data_5G4U
#
_entry.id   5G4U
#
_cell.length_a   261.260
_cell.length_b   69.220
_cell.length_c   85.350
_cell.angle_alpha   90.00
_cell.angle_beta   90.00
_cell.angle_gamma   90.00
#
_symmetry.space_group_name_H-M   'P 21 21 21'
#
loop_
_entity.id
_entity.type
_entity.pdbx_description
1 polymer HMKT-7
2 polymer '50S RIBOSOMAL PROTEIN L7AE'
3 water water
#
loop_
_entity_poly.entity_id
_entity_poly.type
_entity_poly.pdbx_seq_one_letter_code
_entity_poly.pdbx_strand_id
1 'polyribonucleotide' GGCGAAGAUCCGGUGAGCC A,B,E,F,I,J
2 'polypeptide(L)'
;GPEASYVRFEVPEDMQNEALSLLEKVRESGKVKKGTNETTKAVERGLAKLVYIAEDVDPPEIVAHLPLLCEEKNVPYIYV
KSKNDLGRAVGIEVPCASAAIINEGELRKELGSLVEKIKGLQK
;
C,D,G,H,K,L
#
# COMPACT_ATOMS: atom_id res chain seq x y z
N GLU C 3 16.65 44.51 -7.84
CA GLU C 3 16.78 44.31 -9.27
C GLU C 3 17.88 43.29 -9.57
N ALA C 4 18.62 42.93 -8.54
CA ALA C 4 19.77 42.06 -8.69
C ALA C 4 19.33 40.64 -9.04
N SER C 5 19.96 40.06 -10.05
CA SER C 5 19.78 38.67 -10.41
C SER C 5 21.13 38.13 -10.88
N TYR C 6 21.21 36.81 -11.07
CA TYR C 6 22.48 36.26 -11.51
C TYR C 6 22.73 36.51 -13.00
N VAL C 7 21.72 36.91 -13.76
CA VAL C 7 21.91 37.32 -15.14
C VAL C 7 22.54 38.70 -15.15
N ARG C 8 23.79 38.80 -15.63
CA ARG C 8 24.54 40.05 -15.53
C ARG C 8 24.61 40.82 -16.84
N PHE C 9 23.98 40.34 -17.91
CA PHE C 9 23.73 41.13 -19.12
C PHE C 9 22.55 40.52 -19.85
N GLU C 10 21.81 41.37 -20.57
CA GLU C 10 20.69 40.86 -21.34
C GLU C 10 21.16 40.39 -22.71
N VAL C 11 20.73 39.20 -23.10
CA VAL C 11 21.10 38.60 -24.37
C VAL C 11 19.90 38.75 -25.30
N PRO C 12 20.09 39.23 -26.54
CA PRO C 12 18.94 39.32 -27.46
C PRO C 12 18.47 37.93 -27.85
N GLU C 13 17.20 37.86 -28.29
CA GLU C 13 16.54 36.56 -28.47
C GLU C 13 17.11 35.78 -29.65
N ASP C 14 17.28 36.45 -30.80
CA ASP C 14 17.82 35.76 -31.96
C ASP C 14 19.22 35.23 -31.68
N MET C 15 19.96 35.92 -30.82
CA MET C 15 21.31 35.48 -30.47
C MET C 15 21.28 34.28 -29.54
N GLN C 16 20.27 34.21 -28.66
CA GLN C 16 20.00 32.98 -27.93
C GLN C 16 19.76 31.82 -28.90
N ASN C 17 18.94 32.05 -29.92
CA ASN C 17 18.58 30.98 -30.85
C ASN C 17 19.79 30.50 -31.63
N GLU C 18 20.63 31.43 -32.09
CA GLU C 18 21.84 31.01 -32.78
C GLU C 18 22.79 30.29 -31.83
N ALA C 19 22.87 30.73 -30.58
CA ALA C 19 23.69 30.02 -29.60
C ALA C 19 23.21 28.59 -29.39
N LEU C 20 21.89 28.37 -29.35
CA LEU C 20 21.37 27.03 -29.11
C LEU C 20 21.51 26.13 -30.32
N SER C 21 21.33 26.68 -31.53
CA SER C 21 21.55 25.86 -32.72
C SER C 21 23.02 25.49 -32.85
N LEU C 22 23.92 26.44 -32.61
CA LEU C 22 25.35 26.15 -32.62
C LEU C 22 25.71 25.09 -31.59
N LEU C 23 25.11 25.19 -30.40
CA LEU C 23 25.40 24.22 -29.35
C LEU C 23 24.85 22.84 -29.69
N GLU C 24 23.75 22.76 -30.44
CA GLU C 24 23.25 21.45 -30.82
C GLU C 24 24.10 20.85 -31.92
N LYS C 25 24.61 21.68 -32.84
CA LYS C 25 25.34 21.13 -33.96
C LYS C 25 26.78 20.78 -33.61
N VAL C 26 27.40 21.47 -32.64
CA VAL C 26 28.78 21.13 -32.28
C VAL C 26 28.87 19.71 -31.73
N ARG C 27 27.75 19.17 -31.22
CA ARG C 27 27.75 17.78 -30.77
C ARG C 27 28.07 16.80 -31.89
N GLU C 28 27.79 17.15 -33.15
CA GLU C 28 28.17 16.28 -34.26
C GLU C 28 29.68 16.16 -34.38
N SER C 29 30.39 17.28 -34.44
CA SER C 29 31.81 17.32 -34.76
C SER C 29 32.71 17.60 -33.56
N GLY C 30 32.22 18.29 -32.52
CA GLY C 30 33.06 18.62 -31.38
C GLY C 30 32.62 18.01 -30.06
N LYS C 31 32.93 18.62 -28.92
CA LYS C 31 32.53 18.08 -27.64
C LYS C 31 31.86 19.14 -26.76
N VAL C 32 30.93 18.68 -25.93
CA VAL C 32 30.10 19.52 -25.08
C VAL C 32 29.97 18.83 -23.73
N LYS C 33 30.04 19.62 -22.64
CA LYS C 33 29.73 19.11 -21.31
C LYS C 33 28.41 19.65 -20.80
N LYS C 34 27.64 18.78 -20.15
CA LYS C 34 26.26 18.99 -19.77
C LYS C 34 26.15 18.93 -18.26
N GLY C 35 25.44 19.89 -17.67
CA GLY C 35 25.31 19.83 -16.23
C GLY C 35 26.32 20.73 -15.53
N THR C 36 25.93 21.26 -14.37
CA THR C 36 26.70 22.32 -13.73
C THR C 36 28.02 21.81 -13.15
N ASN C 37 28.06 20.58 -12.67
CA ASN C 37 29.31 20.06 -12.12
C ASN C 37 30.35 19.87 -13.21
N GLU C 38 29.95 19.26 -14.34
CA GLU C 38 30.88 19.07 -15.43
C GLU C 38 31.24 20.39 -16.09
N THR C 39 30.31 21.34 -16.09
CA THR C 39 30.57 22.65 -16.67
C THR C 39 31.57 23.45 -15.83
N THR C 40 31.32 23.59 -14.52
CA THR C 40 32.24 24.36 -13.68
C THR C 40 33.60 23.71 -13.59
N LYS C 41 33.67 22.37 -13.69
CA LYS C 41 34.98 21.75 -13.73
C LYS C 41 35.65 21.99 -15.08
N ALA C 42 34.87 22.03 -16.16
CA ALA C 42 35.43 22.38 -17.46
C ALA C 42 35.95 23.81 -17.47
N VAL C 43 35.25 24.72 -16.78
CA VAL C 43 35.67 26.11 -16.75
C VAL C 43 36.87 26.32 -15.84
N GLU C 44 36.91 25.63 -14.70
CA GLU C 44 38.05 25.78 -13.80
C GLU C 44 39.29 25.16 -14.41
N ARG C 45 39.15 23.97 -15.01
CA ARG C 45 40.31 23.31 -15.57
C ARG C 45 40.78 23.96 -16.86
N GLY C 46 40.27 25.15 -17.20
CA GLY C 46 40.72 25.84 -18.39
C GLY C 46 40.22 25.29 -19.70
N LEU C 47 39.11 24.52 -19.69
CA LEU C 47 38.70 23.78 -20.87
C LEU C 47 37.39 24.23 -21.52
N ALA C 48 36.80 25.35 -21.10
CA ALA C 48 35.57 25.82 -21.72
C ALA C 48 35.86 26.81 -22.84
N LYS C 49 35.22 26.61 -23.99
CA LYS C 49 35.31 27.59 -25.07
C LYS C 49 34.11 28.52 -25.13
N LEU C 50 32.99 28.12 -24.51
CA LEU C 50 31.81 28.96 -24.41
C LEU C 50 30.82 28.29 -23.46
N VAL C 51 30.36 29.02 -22.45
CA VAL C 51 29.48 28.47 -21.42
C VAL C 51 28.07 28.99 -21.65
N TYR C 52 27.09 28.10 -21.47
CA TYR C 52 25.69 28.45 -21.49
C TYR C 52 25.14 28.36 -20.09
N ILE C 53 24.38 29.38 -19.68
CA ILE C 53 23.75 29.44 -18.38
C ILE C 53 22.30 29.80 -18.60
N ALA C 54 21.39 29.10 -17.96
CA ALA C 54 19.97 29.32 -18.17
C ALA C 54 19.45 30.35 -17.17
N GLU C 55 18.44 31.11 -17.59
CA GLU C 55 17.96 32.21 -16.75
C GLU C 55 16.91 31.77 -15.74
N ASP C 56 16.18 30.69 -16.01
CA ASP C 56 15.17 30.21 -15.06
C ASP C 56 15.69 29.14 -14.09
N VAL C 57 16.95 29.17 -13.67
CA VAL C 57 17.43 28.10 -12.80
C VAL C 57 16.97 28.39 -11.38
N ASP C 58 16.41 27.37 -10.73
CA ASP C 58 15.79 27.54 -9.41
C ASP C 58 16.15 26.35 -8.52
N PRO C 59 16.77 26.61 -7.34
CA PRO C 59 17.19 27.94 -6.86
C PRO C 59 18.31 28.55 -7.69
N PRO C 60 18.39 29.88 -7.75
CA PRO C 60 19.42 30.52 -8.60
C PRO C 60 20.84 30.12 -8.23
N GLU C 61 21.13 29.88 -6.95
CA GLU C 61 22.50 29.65 -6.51
C GLU C 61 23.21 28.56 -7.31
N ILE C 62 22.47 27.52 -7.74
CA ILE C 62 22.98 26.44 -8.59
C ILE C 62 23.92 26.94 -9.68
N VAL C 63 23.61 28.11 -10.26
CA VAL C 63 24.45 28.70 -11.29
C VAL C 63 24.85 30.13 -10.98
N ALA C 64 24.56 30.63 -9.77
CA ALA C 64 24.83 32.03 -9.46
C ALA C 64 26.30 32.39 -9.61
N HIS C 65 27.18 31.53 -9.10
CA HIS C 65 28.62 31.83 -9.13
C HIS C 65 29.23 31.68 -10.52
N LEU C 66 28.70 30.80 -11.34
CA LEU C 66 29.36 30.39 -12.57
C LEU C 66 29.71 31.52 -13.54
N PRO C 67 28.90 32.58 -13.69
CA PRO C 67 29.36 33.71 -14.53
C PRO C 67 30.63 34.32 -14.00
N LEU C 68 30.74 34.45 -12.67
CA LEU C 68 31.93 35.05 -12.07
C LEU C 68 33.16 34.21 -12.36
N LEU C 69 33.02 32.89 -12.32
CA LEU C 69 34.13 32.00 -12.61
C LEU C 69 34.51 32.03 -14.08
N CYS C 70 33.54 32.25 -14.96
CA CYS C 70 33.87 32.35 -16.38
C CYS C 70 34.60 33.65 -16.67
N GLU C 71 34.10 34.75 -16.11
CA GLU C 71 34.74 36.04 -16.30
C GLU C 71 36.16 36.04 -15.75
N GLU C 72 36.39 35.32 -14.64
CA GLU C 72 37.73 35.28 -14.08
C GLU C 72 38.67 34.44 -14.93
N LYS C 73 38.21 33.25 -15.34
CA LYS C 73 39.05 32.41 -16.20
C LYS C 73 39.01 32.86 -17.66
N ASN C 74 38.45 34.05 -17.92
CA ASN C 74 38.29 34.59 -19.27
C ASN C 74 37.68 33.60 -20.24
N VAL C 75 36.56 33.00 -19.82
CA VAL C 75 35.78 32.13 -20.68
C VAL C 75 34.52 32.90 -21.10
N PRO C 76 34.25 33.01 -22.40
CA PRO C 76 32.98 33.62 -22.81
C PRO C 76 31.82 32.78 -22.31
N TYR C 77 30.69 33.46 -22.05
CA TYR C 77 29.49 32.75 -21.64
C TYR C 77 28.27 33.53 -22.10
N ILE C 78 27.18 32.82 -22.36
CA ILE C 78 25.95 33.44 -22.85
C ILE C 78 24.79 32.87 -22.06
N TYR C 79 23.75 33.68 -21.84
CA TYR C 79 22.55 33.24 -21.15
C TYR C 79 21.52 32.76 -22.17
N VAL C 80 20.78 31.72 -21.80
CA VAL C 80 19.65 31.26 -22.59
C VAL C 80 18.43 31.27 -21.68
N LYS C 81 17.24 31.28 -22.28
CA LYS C 81 16.06 31.60 -21.49
C LYS C 81 15.66 30.48 -20.56
N SER C 82 15.52 29.25 -21.08
CA SER C 82 14.91 28.16 -20.34
C SER C 82 15.84 26.96 -20.19
N LYS C 83 15.82 26.38 -18.98
CA LYS C 83 16.44 25.08 -18.74
C LYS C 83 16.01 24.04 -19.75
N ASN C 84 14.74 24.04 -20.14
CA ASN C 84 14.24 23.06 -21.10
C ASN C 84 14.95 23.20 -22.44
N ASP C 85 14.99 24.43 -22.98
CA ASP C 85 15.64 24.67 -24.26
C ASP C 85 17.10 24.24 -24.27
N LEU C 86 17.82 24.54 -23.19
CA LEU C 86 19.21 24.09 -23.09
C LEU C 86 19.28 22.57 -23.04
N GLY C 87 18.41 21.95 -22.24
CA GLY C 87 18.37 20.50 -22.15
C GLY C 87 18.19 19.81 -23.49
N ARG C 88 17.32 20.35 -24.35
CA ARG C 88 17.19 19.75 -25.67
C ARG C 88 18.36 20.10 -26.55
N ALA C 89 18.93 21.29 -26.38
CA ALA C 89 20.04 21.71 -27.23
C ALA C 89 21.26 20.81 -27.01
N VAL C 90 21.65 20.60 -25.75
CA VAL C 90 22.72 19.66 -25.49
C VAL C 90 22.26 18.22 -25.71
N GLY C 91 20.97 17.98 -25.91
CA GLY C 91 20.50 16.66 -26.31
C GLY C 91 20.40 15.66 -25.18
N ILE C 92 20.00 16.09 -23.99
CA ILE C 92 19.62 15.18 -22.95
C ILE C 92 18.09 15.16 -22.86
N GLU C 93 17.57 14.18 -22.13
CA GLU C 93 16.13 13.98 -22.01
C GLU C 93 15.54 14.73 -20.82
N VAL C 94 16.24 15.75 -20.32
CA VAL C 94 15.96 16.41 -19.04
C VAL C 94 16.39 17.87 -19.13
N PRO C 95 15.82 18.79 -18.35
CA PRO C 95 16.33 20.16 -18.34
C PRO C 95 17.77 20.23 -17.84
N CYS C 96 18.45 21.31 -18.24
CA CYS C 96 19.88 21.47 -17.99
C CYS C 96 20.16 22.93 -17.64
N ALA C 97 20.66 23.14 -16.43
CA ALA C 97 20.93 24.49 -15.94
C ALA C 97 22.11 25.14 -16.62
N SER C 98 23.10 24.36 -17.06
CA SER C 98 24.30 24.98 -17.61
C SER C 98 25.06 23.98 -18.44
N ALA C 99 25.64 24.46 -19.53
CA ALA C 99 26.43 23.63 -20.42
C ALA C 99 27.70 24.38 -20.83
N ALA C 100 28.55 23.70 -21.58
CA ALA C 100 29.75 24.31 -22.14
C ALA C 100 30.14 23.58 -23.41
N ILE C 101 30.80 24.32 -24.31
CA ILE C 101 31.44 23.74 -25.49
C ILE C 101 32.93 23.67 -25.20
N ILE C 102 33.50 22.47 -25.27
CA ILE C 102 34.90 22.28 -24.96
C ILE C 102 35.74 21.97 -26.20
N ASN C 103 35.18 21.33 -27.22
CA ASN C 103 35.82 21.31 -28.53
C ASN C 103 34.81 21.83 -29.54
N GLU C 104 35.26 22.78 -30.35
CA GLU C 104 34.56 23.48 -31.42
C GLU C 104 34.31 22.63 -32.65
N GLY C 105 35.08 21.58 -32.89
CA GLY C 105 34.89 20.79 -34.09
C GLY C 105 35.25 21.60 -35.33
N GLU C 106 34.29 21.72 -36.25
CA GLU C 106 34.49 22.45 -37.50
C GLU C 106 33.91 23.86 -37.48
N LEU C 107 33.25 24.28 -36.41
CA LEU C 107 32.56 25.56 -36.36
C LEU C 107 33.35 26.62 -35.60
N ARG C 108 34.64 26.76 -35.90
CA ARG C 108 35.44 27.78 -35.22
CA ARG C 108 35.45 27.78 -35.24
C ARG C 108 35.05 29.17 -35.68
N LYS C 109 34.59 29.30 -36.93
CA LYS C 109 34.21 30.60 -37.45
C LYS C 109 32.88 31.05 -36.87
N GLU C 110 31.89 30.16 -36.84
CA GLU C 110 30.59 30.50 -36.27
C GLU C 110 30.72 30.80 -34.79
N LEU C 111 31.43 29.94 -34.05
CA LEU C 111 31.63 30.20 -32.63
C LEU C 111 32.44 31.48 -32.41
N GLY C 112 33.34 31.80 -33.34
CA GLY C 112 34.07 33.06 -33.25
C GLY C 112 33.16 34.27 -33.41
N SER C 113 32.29 34.23 -34.42
CA SER C 113 31.39 35.34 -34.61
C SER C 113 30.48 35.49 -33.40
N LEU C 114 29.97 34.37 -32.87
CA LEU C 114 29.05 34.45 -31.75
C LEU C 114 29.74 34.94 -30.48
N VAL C 115 30.95 34.48 -30.20
CA VAL C 115 31.66 34.99 -29.03
C VAL C 115 31.89 36.49 -29.17
N GLU C 116 32.22 36.96 -30.37
CA GLU C 116 32.46 38.39 -30.54
C GLU C 116 31.17 39.22 -30.46
N LYS C 117 30.03 38.66 -30.88
CA LYS C 117 28.76 39.35 -30.68
C LYS C 117 28.37 39.39 -29.21
N ILE C 118 28.71 38.34 -28.47
CA ILE C 118 28.50 38.36 -27.02
C ILE C 118 29.37 39.42 -26.37
N LYS C 119 30.63 39.51 -26.81
CA LYS C 119 31.58 40.46 -26.23
C LYS C 119 31.14 41.90 -26.46
N GLY C 120 30.18 42.11 -27.36
CA GLY C 120 29.66 43.44 -27.64
C GLY C 120 28.50 43.85 -26.76
N LEU C 121 27.77 42.89 -26.21
CA LEU C 121 26.65 43.19 -25.31
C LEU C 121 27.05 44.06 -24.12
N GLN C 122 28.27 43.92 -23.62
CA GLN C 122 28.68 44.71 -22.45
C GLN C 122 29.47 45.94 -22.86
N SER D 5 32.11 -24.35 0.39
CA SER D 5 33.15 -25.22 -0.11
C SER D 5 34.53 -24.58 0.05
N TYR D 6 34.53 -23.26 0.26
CA TYR D 6 35.74 -22.47 0.45
C TYR D 6 36.45 -22.77 1.76
N VAL D 7 35.81 -23.47 2.69
CA VAL D 7 36.47 -23.80 3.96
C VAL D 7 37.58 -24.79 3.63
N ARG D 8 38.83 -24.38 3.81
CA ARG D 8 39.96 -25.17 3.36
C ARG D 8 40.62 -25.96 4.47
N PHE D 9 40.20 -25.75 5.72
CA PHE D 9 40.54 -26.62 6.84
C PHE D 9 39.48 -26.39 7.91
N GLU D 10 38.94 -27.46 8.49
CA GLU D 10 37.89 -27.26 9.49
C GLU D 10 38.53 -27.19 10.87
N VAL D 11 38.12 -26.21 11.66
CA VAL D 11 38.75 -25.88 12.93
C VAL D 11 38.03 -26.54 14.09
N PRO D 12 38.72 -27.11 15.08
CA PRO D 12 38.01 -27.73 16.17
C PRO D 12 37.26 -26.67 16.97
N GLU D 13 36.24 -27.13 17.69
CA GLU D 13 35.26 -26.23 18.29
C GLU D 13 35.85 -25.42 19.42
N ASP D 14 36.63 -26.06 20.29
CA ASP D 14 37.23 -25.33 21.41
C ASP D 14 38.16 -24.25 20.91
N MET D 15 38.85 -24.47 19.79
CA MET D 15 39.76 -23.46 19.26
C MET D 15 38.97 -22.35 18.56
N GLN D 16 37.85 -22.71 17.93
CA GLN D 16 36.92 -21.69 17.44
C GLN D 16 36.44 -20.78 18.57
N ASN D 17 35.99 -21.37 19.69
CA ASN D 17 35.48 -20.56 20.80
C ASN D 17 36.56 -19.79 21.52
N GLU D 18 37.79 -20.33 21.59
CA GLU D 18 38.90 -19.50 22.06
C GLU D 18 39.23 -18.39 21.07
N ALA D 19 38.89 -18.56 19.79
CA ALA D 19 39.03 -17.48 18.83
C ALA D 19 37.94 -16.42 19.03
N LEU D 20 36.71 -16.85 19.32
CA LEU D 20 35.62 -15.89 19.51
C LEU D 20 35.77 -15.14 20.82
N SER D 21 36.25 -15.82 21.86
CA SER D 21 36.59 -15.10 23.09
C SER D 21 37.79 -14.20 22.86
N LEU D 22 38.79 -14.68 22.10
CA LEU D 22 39.97 -13.86 21.83
C LEU D 22 39.60 -12.57 21.12
N LEU D 23 38.68 -12.62 20.15
CA LEU D 23 38.16 -11.36 19.60
C LEU D 23 37.22 -10.66 20.57
N GLU D 24 36.58 -11.42 21.45
CA GLU D 24 35.65 -10.80 22.38
C GLU D 24 36.41 -9.99 23.42
N LYS D 25 37.74 -10.13 23.44
CA LYS D 25 38.58 -9.54 24.47
C LYS D 25 39.85 -8.90 23.92
N VAL D 26 40.08 -8.96 22.60
CA VAL D 26 41.22 -8.28 22.01
C VAL D 26 40.74 -6.89 21.59
N ARG D 27 39.41 -6.74 21.46
CA ARG D 27 38.84 -5.43 21.17
C ARG D 27 39.24 -4.42 22.24
N GLU D 28 39.05 -4.78 23.51
CA GLU D 28 39.27 -3.86 24.61
C GLU D 28 40.74 -3.87 25.00
N SER D 29 41.62 -3.55 24.04
CA SER D 29 43.06 -3.44 24.20
C SER D 29 43.71 -3.29 22.84
N GLY D 30 43.11 -3.89 21.81
CA GLY D 30 43.66 -3.81 20.47
C GLY D 30 42.75 -3.20 19.44
N LYS D 31 42.94 -3.59 18.17
CA LYS D 31 42.11 -3.10 17.08
C LYS D 31 41.62 -4.26 16.24
N VAL D 32 40.36 -4.20 15.85
CA VAL D 32 39.69 -5.24 15.08
C VAL D 32 38.96 -4.57 13.91
N LYS D 33 39.01 -5.21 12.74
CA LYS D 33 38.26 -4.76 11.58
C LYS D 33 36.99 -5.59 11.39
N LYS D 34 35.93 -4.89 10.99
CA LYS D 34 34.54 -5.32 11.06
C LYS D 34 34.02 -5.44 9.64
N GLY D 35 33.47 -6.59 9.27
CA GLY D 35 32.97 -6.55 7.90
C GLY D 35 34.00 -7.02 6.89
N THR D 36 33.50 -7.60 5.78
CA THR D 36 34.42 -8.28 4.86
C THR D 36 35.29 -7.28 4.10
N ASN D 37 34.76 -6.08 3.82
CA ASN D 37 35.54 -5.09 3.08
C ASN D 37 36.71 -4.57 3.90
N GLU D 38 36.48 -4.26 5.18
CA GLU D 38 37.58 -3.76 6.00
C GLU D 38 38.60 -4.83 6.36
N THR D 39 38.18 -6.10 6.50
CA THR D 39 39.19 -7.14 6.71
C THR D 39 39.99 -7.36 5.44
N THR D 40 39.31 -7.41 4.28
CA THR D 40 40.02 -7.62 3.03
C THR D 40 40.97 -6.47 2.74
N LYS D 41 40.55 -5.24 3.07
CA LYS D 41 41.47 -4.11 3.06
C LYS D 41 42.63 -4.32 4.02
N ALA D 42 42.37 -4.94 5.18
CA ALA D 42 43.43 -5.11 6.18
C ALA D 42 44.48 -6.08 5.69
N VAL D 43 44.07 -7.15 5.01
CA VAL D 43 45.04 -8.12 4.50
C VAL D 43 45.74 -7.57 3.25
N GLU D 44 44.99 -6.86 2.40
CA GLU D 44 45.58 -6.34 1.17
C GLU D 44 46.53 -5.18 1.46
N ARG D 45 46.05 -4.16 2.16
CA ARG D 45 46.96 -3.11 2.62
C ARG D 45 48.08 -3.64 3.52
N GLY D 46 47.95 -4.85 4.06
CA GLY D 46 49.06 -5.50 4.73
C GLY D 46 49.09 -5.39 6.24
N LEU D 47 47.96 -5.09 6.88
CA LEU D 47 47.94 -4.76 8.30
C LEU D 47 47.18 -5.77 9.16
N ALA D 48 46.83 -6.94 8.62
CA ALA D 48 46.10 -7.94 9.38
C ALA D 48 47.07 -8.89 10.09
N LYS D 49 46.79 -9.18 11.36
CA LYS D 49 47.54 -10.21 12.08
C LYS D 49 46.79 -11.54 12.19
N LEU D 50 45.47 -11.55 12.01
CA LEU D 50 44.66 -12.76 12.01
C LEU D 50 43.23 -12.48 11.60
N VAL D 51 42.71 -13.13 10.56
CA VAL D 51 41.38 -12.85 10.07
C VAL D 51 40.46 -14.00 10.42
N TYR D 52 39.21 -13.67 10.73
CA TYR D 52 38.14 -14.63 10.96
C TYR D 52 37.19 -14.64 9.78
N ILE D 53 36.80 -15.84 9.37
CA ILE D 53 35.89 -16.04 8.25
C ILE D 53 34.80 -16.98 8.72
N ALA D 54 33.55 -16.63 8.46
CA ALA D 54 32.44 -17.44 8.92
C ALA D 54 32.06 -18.45 7.84
N GLU D 55 31.61 -19.62 8.27
CA GLU D 55 31.39 -20.73 7.35
C GLU D 55 30.00 -20.75 6.72
N ASP D 56 29.00 -20.16 7.37
CA ASP D 56 27.62 -20.11 6.85
C ASP D 56 27.31 -18.86 6.04
N VAL D 57 28.30 -18.25 5.37
CA VAL D 57 28.09 -17.01 4.61
C VAL D 57 27.54 -17.37 3.23
N ASP D 58 26.53 -16.61 2.80
CA ASP D 58 25.81 -16.89 1.56
C ASP D 58 25.56 -15.60 0.79
N PRO D 59 25.99 -15.53 -0.49
CA PRO D 59 26.74 -16.56 -1.24
C PRO D 59 28.18 -16.73 -0.71
N PRO D 60 28.74 -17.93 -0.87
CA PRO D 60 30.11 -18.15 -0.37
C PRO D 60 31.14 -17.21 -0.96
N GLU D 61 30.93 -16.74 -2.19
CA GLU D 61 31.93 -15.92 -2.86
C GLU D 61 32.17 -14.59 -2.14
N ILE D 62 31.19 -14.11 -1.36
CA ILE D 62 31.35 -12.95 -0.48
C ILE D 62 32.69 -13.03 0.26
N VAL D 63 33.08 -14.24 0.64
CA VAL D 63 34.34 -14.47 1.34
C VAL D 63 35.26 -15.44 0.63
N ALA D 64 34.93 -15.86 -0.60
CA ALA D 64 35.72 -16.90 -1.25
C ALA D 64 37.19 -16.49 -1.42
N HIS D 65 37.48 -15.19 -1.43
CA HIS D 65 38.81 -14.73 -1.78
C HIS D 65 39.78 -14.78 -0.60
N LEU D 66 39.29 -14.51 0.61
CA LEU D 66 40.15 -14.37 1.78
C LEU D 66 41.05 -15.58 2.08
N PRO D 67 40.64 -16.83 1.86
CA PRO D 67 41.61 -17.91 2.09
C PRO D 67 42.84 -17.86 1.17
N LEU D 68 42.65 -17.73 -0.14
CA LEU D 68 43.80 -17.73 -1.05
C LEU D 68 44.62 -16.45 -0.93
N LEU D 69 43.96 -15.29 -0.87
CA LEU D 69 44.70 -14.03 -0.75
C LEU D 69 45.29 -13.88 0.65
N CYS D 70 44.65 -14.51 1.64
CA CYS D 70 45.14 -14.51 3.01
C CYS D 70 46.32 -15.45 3.19
N GLU D 71 46.45 -16.48 2.35
CA GLU D 71 47.64 -17.33 2.39
C GLU D 71 48.90 -16.56 2.02
N GLU D 72 48.91 -15.87 0.88
CA GLU D 72 50.00 -14.93 0.69
C GLU D 72 49.86 -13.82 1.72
N LYS D 73 50.96 -13.09 1.94
CA LYS D 73 51.10 -12.05 2.94
C LYS D 73 51.31 -12.76 4.27
N ASN D 74 51.17 -14.08 4.23
CA ASN D 74 51.28 -14.98 5.39
C ASN D 74 50.61 -14.41 6.64
N VAL D 75 49.34 -14.06 6.48
CA VAL D 75 48.49 -13.68 7.61
C VAL D 75 47.61 -14.88 7.99
N PRO D 76 47.62 -15.29 9.26
CA PRO D 76 46.77 -16.40 9.69
C PRO D 76 45.29 -16.12 9.53
N TYR D 77 44.52 -17.21 9.38
CA TYR D 77 43.07 -17.10 9.31
C TYR D 77 42.45 -18.36 9.89
N ILE D 78 41.25 -18.20 10.46
CA ILE D 78 40.53 -19.28 11.11
C ILE D 78 39.07 -19.23 10.69
N TYR D 79 38.48 -20.41 10.55
CA TYR D 79 37.10 -20.53 10.15
C TYR D 79 36.21 -20.68 11.38
N VAL D 80 35.26 -19.77 11.51
CA VAL D 80 34.31 -19.79 12.61
C VAL D 80 32.99 -20.34 12.09
N LYS D 81 32.33 -21.16 12.91
CA LYS D 81 31.16 -21.90 12.46
C LYS D 81 30.09 -20.96 11.90
N SER D 82 29.74 -19.92 12.64
CA SER D 82 28.54 -19.15 12.35
C SER D 82 28.84 -17.69 12.04
N LYS D 83 28.18 -17.21 10.98
CA LYS D 83 28.05 -15.79 10.65
C LYS D 83 27.57 -14.97 11.86
N ASN D 84 26.61 -15.50 12.59
CA ASN D 84 26.12 -14.83 13.80
C ASN D 84 27.22 -14.74 14.87
N ASP D 85 27.94 -15.84 15.10
CA ASP D 85 28.97 -15.86 16.14
C ASP D 85 29.97 -14.73 15.96
N LEU D 86 30.42 -14.49 14.73
CA LEU D 86 31.25 -13.32 14.48
C LEU D 86 30.49 -12.03 14.70
N GLY D 87 29.24 -11.96 14.22
CA GLY D 87 28.47 -10.75 14.41
C GLY D 87 28.43 -10.29 15.85
N ARG D 88 28.28 -11.23 16.79
CA ARG D 88 28.32 -10.85 18.20
C ARG D 88 29.76 -10.70 18.70
N ALA D 89 30.69 -11.47 18.14
CA ALA D 89 32.07 -11.43 18.63
C ALA D 89 32.71 -10.06 18.42
N VAL D 90 32.65 -9.53 17.19
CA VAL D 90 33.11 -8.16 17.01
C VAL D 90 32.14 -7.13 17.58
N GLY D 91 30.94 -7.53 17.99
CA GLY D 91 30.06 -6.60 18.68
C GLY D 91 29.21 -5.67 17.82
N ILE D 92 28.69 -6.13 16.68
CA ILE D 92 27.66 -5.40 15.98
C ILE D 92 26.30 -5.98 16.33
N GLU D 93 25.25 -5.24 15.96
CA GLU D 93 23.88 -5.66 16.13
C GLU D 93 23.36 -6.38 14.89
N VAL D 94 24.29 -6.91 14.08
CA VAL D 94 24.02 -7.56 12.79
C VAL D 94 25.08 -8.63 12.61
N PRO D 95 24.82 -9.65 11.80
CA PRO D 95 25.86 -10.68 11.55
C PRO D 95 27.05 -10.13 10.78
N CYS D 96 28.15 -10.88 10.84
CA CYS D 96 29.43 -10.49 10.26
C CYS D 96 30.10 -11.69 9.60
N ALA D 97 30.32 -11.61 8.29
CA ALA D 97 30.91 -12.73 7.56
C ALA D 97 32.40 -12.90 7.87
N SER D 98 33.11 -11.82 8.19
CA SER D 98 34.55 -11.92 8.37
C SER D 98 35.08 -10.69 9.10
N ALA D 99 36.10 -10.90 9.94
CA ALA D 99 36.73 -9.84 10.72
C ALA D 99 38.25 -9.97 10.61
N ALA D 100 38.97 -9.03 11.23
CA ALA D 100 40.43 -9.08 11.20
C ALA D 100 41.02 -8.46 12.45
N ILE D 101 42.22 -8.92 12.80
CA ILE D 101 43.02 -8.32 13.88
C ILE D 101 44.14 -7.48 13.25
N ILE D 102 44.18 -6.20 13.62
CA ILE D 102 45.13 -5.22 13.11
C ILE D 102 46.17 -4.86 14.16
N ASN D 103 45.79 -4.88 15.44
CA ASN D 103 46.78 -4.76 16.50
C ASN D 103 46.61 -5.93 17.46
N GLU D 104 47.75 -6.49 17.89
CA GLU D 104 47.94 -7.57 18.85
C GLU D 104 47.56 -7.18 20.28
N GLY D 105 46.78 -6.09 20.33
CA GLY D 105 46.29 -5.50 21.57
C GLY D 105 47.36 -5.42 22.63
N GLU D 106 47.05 -5.99 23.79
CA GLU D 106 47.98 -5.99 24.90
C GLU D 106 48.38 -7.40 25.27
N LEU D 107 47.66 -8.41 24.76
CA LEU D 107 47.95 -9.79 25.12
C LEU D 107 48.50 -10.45 23.87
N ARG D 108 49.80 -10.28 23.62
CA ARG D 108 50.41 -10.81 22.40
CA ARG D 108 50.41 -10.81 22.40
C ARG D 108 50.41 -12.34 22.41
N LYS D 109 50.59 -12.94 23.58
CA LYS D 109 50.85 -14.37 23.75
C LYS D 109 49.70 -15.27 23.31
N GLU D 110 48.46 -14.98 23.72
CA GLU D 110 47.36 -15.85 23.32
C GLU D 110 47.17 -15.89 21.82
N LEU D 111 47.26 -14.73 21.15
CA LEU D 111 47.04 -14.77 19.72
C LEU D 111 48.25 -15.31 18.97
N GLY D 112 49.47 -15.13 19.49
CA GLY D 112 50.60 -15.79 18.85
C GLY D 112 50.48 -17.30 18.97
N SER D 113 50.18 -17.77 20.16
CA SER D 113 50.02 -19.21 20.38
C SER D 113 48.89 -19.74 19.51
N LEU D 114 47.75 -19.03 19.48
CA LEU D 114 46.58 -19.50 18.76
C LEU D 114 46.81 -19.51 17.25
N VAL D 115 47.48 -18.49 16.71
CA VAL D 115 47.81 -18.54 15.29
C VAL D 115 48.69 -19.75 14.99
N GLU D 116 49.63 -20.08 15.88
CA GLU D 116 50.44 -21.26 15.57
C GLU D 116 49.66 -22.55 15.77
N LYS D 117 48.64 -22.57 16.64
CA LYS D 117 47.75 -23.73 16.71
C LYS D 117 46.90 -23.84 15.46
N ILE D 118 46.53 -22.71 14.86
CA ILE D 118 45.88 -22.71 13.56
C ILE D 118 46.86 -23.21 12.49
N LYS D 119 48.15 -22.96 12.72
CA LYS D 119 49.21 -23.25 11.75
C LYS D 119 49.32 -24.75 11.54
N GLY D 120 48.91 -25.50 12.58
CA GLY D 120 49.07 -26.94 12.51
C GLY D 120 47.97 -27.67 11.78
N LEU D 121 46.78 -27.09 11.69
CA LEU D 121 45.71 -27.75 10.93
C LEU D 121 45.69 -27.19 9.50
N SER G 5 -13.65 32.77 27.74
CA SER G 5 -12.96 31.55 27.31
C SER G 5 -13.21 30.41 28.28
N TYR G 6 -12.37 29.38 28.21
CA TYR G 6 -12.60 28.14 28.95
C TYR G 6 -12.35 28.38 30.43
N VAL G 7 -11.10 28.33 30.88
CA VAL G 7 -10.73 28.62 32.25
C VAL G 7 -10.76 30.13 32.47
N ARG G 8 -11.22 30.54 33.65
CA ARG G 8 -11.51 31.95 33.99
C ARG G 8 -10.42 32.58 34.87
N PHE G 9 -9.21 32.02 34.81
CA PHE G 9 -8.10 32.63 35.51
C PHE G 9 -7.04 33.10 34.52
N GLU G 10 -6.38 34.21 34.85
CA GLU G 10 -5.23 34.73 34.10
C GLU G 10 -4.01 34.73 35.00
N VAL G 11 -2.84 34.58 34.38
CA VAL G 11 -1.62 34.31 35.15
C VAL G 11 -0.39 34.68 34.32
N PRO G 12 0.57 35.40 34.88
CA PRO G 12 1.79 35.76 34.13
C PRO G 12 2.66 34.56 33.82
N GLU G 13 3.58 34.76 32.87
CA GLU G 13 4.46 33.68 32.43
C GLU G 13 5.41 33.26 33.54
N ASP G 14 5.92 34.23 34.30
CA ASP G 14 6.93 33.94 35.32
C ASP G 14 6.43 32.96 36.38
N MET G 15 5.19 33.12 36.84
CA MET G 15 4.69 32.19 37.85
C MET G 15 4.19 30.88 37.25
N GLN G 16 3.67 30.91 36.02
CA GLN G 16 3.40 29.66 35.31
C GLN G 16 4.68 28.83 35.24
N ASN G 17 5.79 29.47 34.88
CA ASN G 17 7.07 28.79 34.81
C ASN G 17 7.54 28.40 36.20
N GLU G 18 7.12 29.14 37.23
CA GLU G 18 7.35 28.67 38.60
C GLU G 18 6.61 27.36 38.85
N ALA G 19 5.43 27.21 38.26
CA ALA G 19 4.69 25.95 38.37
C ALA G 19 5.43 24.84 37.67
N LEU G 20 6.03 25.11 36.51
CA LEU G 20 6.76 24.05 35.82
C LEU G 20 8.07 23.72 36.54
N SER G 21 8.70 24.72 37.19
CA SER G 21 9.90 24.41 37.96
C SER G 21 9.57 23.57 39.20
N LEU G 22 8.50 23.94 39.93
CA LEU G 22 8.10 23.16 41.09
C LEU G 22 7.71 21.74 40.69
N LEU G 23 6.92 21.62 39.64
CA LEU G 23 6.50 20.32 39.14
C LEU G 23 7.64 19.54 38.51
N GLU G 24 8.65 20.26 38.01
CA GLU G 24 9.80 19.60 37.41
C GLU G 24 10.70 19.01 38.50
N LYS G 25 10.97 19.76 39.57
CA LYS G 25 11.58 19.23 40.78
C LYS G 25 10.59 18.92 41.89
N VAL G 26 9.56 18.12 41.62
CA VAL G 26 8.85 17.42 42.69
C VAL G 26 8.98 15.91 42.58
N ARG G 27 9.20 15.37 41.38
CA ARG G 27 9.08 13.95 41.10
C ARG G 27 10.07 13.11 41.90
N GLU G 28 11.26 13.64 42.14
CA GLU G 28 12.31 12.86 42.80
C GLU G 28 12.03 12.75 44.29
N SER G 29 11.05 13.52 44.79
CA SER G 29 10.85 13.54 46.24
C SER G 29 9.44 13.13 46.63
N GLY G 30 8.44 13.50 45.83
CA GLY G 30 7.06 13.18 46.13
C GLY G 30 6.37 12.41 45.04
N LYS G 31 5.05 12.55 44.97
CA LYS G 31 4.26 11.87 43.95
C LYS G 31 3.44 12.90 43.20
N VAL G 32 3.15 12.57 41.94
CA VAL G 32 2.49 13.47 41.00
C VAL G 32 1.60 12.62 40.11
N LYS G 33 0.42 13.13 39.79
CA LYS G 33 -0.46 12.48 38.83
C LYS G 33 -0.44 13.20 37.49
N LYS G 34 -0.44 12.42 36.42
CA LYS G 34 -0.24 12.88 35.06
C LYS G 34 -1.48 12.54 34.24
N GLY G 35 -2.01 13.53 33.53
CA GLY G 35 -3.20 13.28 32.76
C GLY G 35 -4.45 13.69 33.50
N THR G 36 -5.47 14.10 32.74
CA THR G 36 -6.64 14.73 33.36
C THR G 36 -7.51 13.73 34.11
N ASN G 37 -7.58 12.47 33.65
CA ASN G 37 -8.40 11.51 34.38
C ASN G 37 -7.78 11.15 35.73
N GLU G 38 -6.46 10.93 35.76
CA GLU G 38 -5.80 10.64 37.03
C GLU G 38 -5.82 11.86 37.93
N THR G 39 -5.78 13.06 37.34
CA THR G 39 -5.89 14.28 38.12
C THR G 39 -7.29 14.44 38.71
N THR G 40 -8.31 14.28 37.87
CA THR G 40 -9.69 14.49 38.29
C THR G 40 -10.11 13.48 39.35
N LYS G 41 -9.70 12.22 39.21
CA LYS G 41 -10.18 11.26 40.19
C LYS G 41 -9.20 11.09 41.34
N ALA G 42 -7.94 11.47 41.14
CA ALA G 42 -7.01 11.58 42.26
C ALA G 42 -7.41 12.71 43.18
N VAL G 43 -7.85 13.84 42.60
CA VAL G 43 -8.36 14.95 43.39
C VAL G 43 -9.75 14.63 43.90
N GLU G 44 -10.53 13.86 43.15
CA GLU G 44 -11.86 13.49 43.61
C GLU G 44 -11.77 12.55 44.80
N ARG G 45 -10.70 11.77 44.89
CA ARG G 45 -10.31 11.13 46.15
C ARG G 45 -10.01 12.15 47.25
N GLY G 46 -9.78 13.41 46.91
CA GLY G 46 -9.41 14.36 47.94
C GLY G 46 -7.94 14.42 48.24
N LEU G 47 -7.09 13.98 47.31
CA LEU G 47 -5.66 13.77 47.57
C LEU G 47 -4.82 14.81 46.85
N ALA G 48 -5.43 15.88 46.36
CA ALA G 48 -4.64 16.87 45.64
C ALA G 48 -4.06 17.89 46.61
N LYS G 49 -2.77 18.13 46.50
CA LYS G 49 -2.09 19.20 47.21
C LYS G 49 -1.88 20.42 46.34
N LEU G 50 -1.94 20.26 45.02
CA LEU G 50 -1.84 21.33 44.03
C LEU G 50 -2.15 20.77 42.65
N VAL G 51 -3.10 21.37 41.93
CA VAL G 51 -3.56 20.85 40.65
C VAL G 51 -3.03 21.72 39.52
N TYR G 52 -2.72 21.08 38.40
CA TYR G 52 -2.35 21.74 37.16
C TYR G 52 -3.51 21.69 36.18
N ILE G 53 -3.90 22.86 35.69
CA ILE G 53 -5.00 23.01 34.73
C ILE G 53 -4.54 23.98 33.64
N ALA G 54 -4.74 23.60 32.38
CA ALA G 54 -4.29 24.40 31.25
C ALA G 54 -5.43 24.72 30.29
N GLU G 55 -5.33 25.88 29.63
CA GLU G 55 -6.39 26.32 28.73
C GLU G 55 -6.17 25.90 27.27
N ASP G 56 -4.95 25.55 26.87
CA ASP G 56 -4.76 25.15 25.47
C ASP G 56 -5.30 23.76 25.19
N VAL G 57 -6.32 23.36 25.93
CA VAL G 57 -6.94 22.06 25.75
C VAL G 57 -7.94 22.16 24.60
N ASP G 58 -7.92 21.16 23.73
CA ASP G 58 -8.76 21.21 22.55
C ASP G 58 -9.34 19.83 22.31
N PRO G 59 -10.68 19.72 22.27
CA PRO G 59 -11.70 20.75 22.53
C PRO G 59 -11.69 21.17 24.00
N PRO G 60 -12.18 22.39 24.31
CA PRO G 60 -12.18 22.84 25.72
C PRO G 60 -12.88 21.87 26.66
N GLU G 61 -13.76 21.03 26.13
CA GLU G 61 -14.40 19.92 26.84
C GLU G 61 -13.45 19.11 27.72
N ILE G 62 -12.19 18.99 27.30
CA ILE G 62 -11.28 18.03 27.91
C ILE G 62 -11.12 18.31 29.41
N VAL G 63 -10.99 19.58 29.79
CA VAL G 63 -10.80 19.96 31.17
C VAL G 63 -11.76 21.03 31.66
N ALA G 64 -12.74 21.43 30.85
CA ALA G 64 -13.61 22.56 31.23
C ALA G 64 -14.40 22.32 32.50
N HIS G 65 -13.93 21.43 33.38
CA HIS G 65 -14.74 21.03 34.53
C HIS G 65 -13.95 21.11 35.83
N LEU G 66 -12.65 20.80 35.78
CA LEU G 66 -11.94 20.50 37.02
C LEU G 66 -11.60 21.73 37.87
N PRO G 67 -11.35 22.93 37.32
CA PRO G 67 -11.11 24.08 38.22
C PRO G 67 -12.25 24.28 39.21
N LEU G 68 -13.51 24.13 38.75
CA LEU G 68 -14.65 24.36 39.62
C LEU G 68 -14.68 23.38 40.78
N LEU G 69 -14.50 22.09 40.49
CA LEU G 69 -14.52 21.09 41.55
C LEU G 69 -13.29 21.18 42.44
N CYS G 70 -12.17 21.65 41.88
CA CYS G 70 -11.00 21.90 42.71
C CYS G 70 -11.20 23.13 43.58
N GLU G 71 -12.21 23.95 43.27
CA GLU G 71 -12.59 25.01 44.20
C GLU G 71 -13.52 24.48 45.29
N GLU G 72 -14.49 23.62 44.92
CA GLU G 72 -15.24 22.88 45.94
C GLU G 72 -14.35 22.17 46.96
N LYS G 73 -13.72 21.02 46.63
CA LYS G 73 -12.83 20.35 47.58
C LYS G 73 -11.71 21.24 48.14
N ASN G 74 -11.69 22.53 47.81
CA ASN G 74 -10.67 23.48 48.26
C ASN G 74 -9.26 22.91 48.17
N VAL G 75 -8.93 22.38 47.00
CA VAL G 75 -7.56 21.95 46.67
C VAL G 75 -6.97 23.02 45.77
N PRO G 76 -5.74 23.46 46.03
CA PRO G 76 -5.12 24.45 45.13
C PRO G 76 -5.08 23.95 43.70
N TYR G 77 -5.15 24.90 42.78
CA TYR G 77 -5.01 24.62 41.35
C TYR G 77 -4.54 25.87 40.63
N ILE G 78 -3.77 25.68 39.56
CA ILE G 78 -3.19 26.77 38.81
C ILE G 78 -3.28 26.51 37.31
N TYR G 79 -3.67 27.56 36.58
CA TYR G 79 -3.71 27.53 35.13
C TYR G 79 -2.33 27.80 34.56
N VAL G 80 -1.83 26.87 33.75
CA VAL G 80 -0.43 26.83 33.37
C VAL G 80 -0.28 26.50 31.89
N LYS G 81 0.21 27.49 31.14
CA LYS G 81 0.99 27.26 29.92
C LYS G 81 0.40 26.26 28.93
N SER G 82 1.29 25.69 28.13
CA SER G 82 0.95 24.68 27.12
C SER G 82 0.92 23.30 27.75
N LYS G 83 -0.03 22.48 27.31
CA LYS G 83 -0.03 21.06 27.66
C LYS G 83 1.35 20.43 27.44
N ASN G 84 2.03 20.79 26.35
CA ASN G 84 3.35 20.25 26.06
C ASN G 84 4.36 20.66 27.14
N ASP G 85 4.42 21.96 27.45
CA ASP G 85 5.40 22.45 28.42
C ASP G 85 5.24 21.77 29.77
N LEU G 86 4.00 21.64 30.27
CA LEU G 86 3.83 20.90 31.51
C LEU G 86 4.20 19.45 31.30
N GLY G 87 3.87 18.90 30.14
CA GLY G 87 4.27 17.52 29.83
C GLY G 87 5.75 17.32 30.10
N ARG G 88 6.57 18.30 29.72
CA ARG G 88 7.99 18.24 30.04
C ARG G 88 8.25 18.46 31.51
N ALA G 89 7.42 19.28 32.16
CA ALA G 89 7.61 19.57 33.58
C ALA G 89 7.40 18.30 34.42
N VAL G 90 6.28 17.60 34.24
CA VAL G 90 6.06 16.33 34.92
C VAL G 90 6.98 15.26 34.39
N GLY G 91 7.53 15.46 33.21
CA GLY G 91 8.52 14.55 32.65
C GLY G 91 7.94 13.32 32.00
N ILE G 92 6.80 13.44 31.33
CA ILE G 92 6.32 12.41 30.44
C ILE G 92 6.57 12.88 29.01
N GLU G 93 6.50 11.95 28.07
CA GLU G 93 6.91 12.20 26.68
C GLU G 93 5.77 12.64 25.76
N VAL G 94 4.72 13.25 26.31
CA VAL G 94 3.47 13.53 25.59
C VAL G 94 2.84 14.78 26.17
N PRO G 95 1.98 15.52 25.45
CA PRO G 95 1.31 16.67 26.07
C PRO G 95 0.42 16.22 27.23
N CYS G 96 0.14 17.15 28.14
CA CYS G 96 -0.61 16.85 29.36
C CYS G 96 -1.54 18.01 29.68
N ALA G 97 -2.85 17.76 29.60
CA ALA G 97 -3.84 18.81 29.86
C ALA G 97 -4.00 19.12 31.35
N SER G 98 -3.70 18.18 32.24
CA SER G 98 -3.94 18.40 33.66
C SER G 98 -3.06 17.47 34.49
N ALA G 99 -2.55 18.00 35.61
CA ALA G 99 -1.67 17.24 36.49
C ALA G 99 -2.06 17.49 37.94
N ALA G 100 -1.36 16.80 38.85
CA ALA G 100 -1.60 16.95 40.28
C ALA G 100 -0.36 16.64 41.08
N ILE G 101 -0.27 17.25 42.26
CA ILE G 101 0.71 16.91 43.29
C ILE G 101 -0.01 16.06 44.32
N ILE G 102 0.48 14.84 44.55
CA ILE G 102 -0.19 13.93 45.47
C ILE G 102 0.57 13.74 46.77
N ASN G 103 1.90 13.72 46.73
CA ASN G 103 2.71 13.71 47.94
C ASN G 103 3.76 14.81 47.82
N GLU G 104 3.84 15.67 48.84
CA GLU G 104 4.92 16.65 48.90
C GLU G 104 6.19 15.94 49.34
N GLY G 105 7.23 16.02 48.52
CA GLY G 105 8.41 15.30 48.89
C GLY G 105 9.22 15.97 49.99
N GLU G 106 10.49 16.22 49.71
CA GLU G 106 11.41 16.85 50.65
C GLU G 106 11.32 18.37 50.63
N LEU G 107 10.47 18.93 49.77
CA LEU G 107 10.37 20.36 49.53
C LEU G 107 9.25 20.95 50.38
N ARG G 108 8.07 20.35 50.33
CA ARG G 108 7.01 20.61 51.30
CA ARG G 108 6.99 20.59 51.28
C ARG G 108 6.55 22.06 51.32
N LYS G 109 7.29 22.89 52.06
CA LYS G 109 6.84 24.22 52.44
C LYS G 109 7.05 25.31 51.38
N GLU G 110 7.06 24.97 50.10
CA GLU G 110 6.80 26.00 49.09
C GLU G 110 5.40 25.89 48.53
N LEU G 111 4.83 24.69 48.51
CA LEU G 111 3.53 24.51 47.87
C LEU G 111 2.49 25.45 48.46
N GLY G 112 2.59 25.74 49.75
CA GLY G 112 1.71 26.73 50.36
C GLY G 112 1.91 28.10 49.74
N SER G 113 3.17 28.50 49.60
CA SER G 113 3.43 29.80 49.00
C SER G 113 2.78 29.87 47.62
N LEU G 114 2.91 28.80 46.82
CA LEU G 114 2.33 28.84 45.48
C LEU G 114 0.82 28.92 45.53
N VAL G 115 0.18 28.20 46.46
CA VAL G 115 -1.28 28.29 46.56
C VAL G 115 -1.71 29.72 46.85
N GLU G 116 -0.99 30.41 47.76
CA GLU G 116 -1.43 31.79 48.04
C GLU G 116 -1.08 32.76 46.91
N LYS G 117 -0.06 32.49 46.09
CA LYS G 117 0.06 33.31 44.89
C LYS G 117 -1.10 33.01 43.94
N ILE G 118 -1.64 31.79 43.97
CA ILE G 118 -2.84 31.52 43.19
C ILE G 118 -4.02 32.34 43.71
N LYS G 119 -4.14 32.49 45.04
CA LYS G 119 -5.29 33.22 45.60
C LYS G 119 -5.35 34.68 45.17
N GLY G 120 -4.48 35.14 44.26
CA GLY G 120 -4.45 36.57 43.98
C GLY G 120 -5.63 37.10 43.22
N LEU G 121 -6.33 36.25 42.46
CA LEU G 121 -7.53 36.70 41.77
C LEU G 121 -8.79 36.45 42.60
N SER H 5 -5.34 -35.62 22.87
CA SER H 5 -6.79 -35.71 22.84
C SER H 5 -7.36 -35.67 24.24
N TYR H 6 -7.89 -34.51 24.65
CA TYR H 6 -8.44 -34.37 25.99
C TYR H 6 -9.83 -34.98 26.12
N VAL H 7 -10.20 -35.89 25.23
CA VAL H 7 -11.46 -36.60 25.39
C VAL H 7 -11.29 -37.63 26.50
N ARG H 8 -11.94 -37.38 27.64
CA ARG H 8 -11.77 -38.29 28.77
C ARG H 8 -13.00 -39.19 28.90
N PHE H 9 -13.93 -39.05 27.95
CA PHE H 9 -15.01 -40.02 27.78
C PHE H 9 -15.43 -39.94 26.32
N GLU H 10 -15.04 -40.93 25.52
CA GLU H 10 -15.25 -40.91 24.09
C GLU H 10 -16.74 -41.14 23.80
N VAL H 11 -17.37 -40.15 23.17
CA VAL H 11 -18.82 -40.15 22.95
C VAL H 11 -19.17 -40.49 21.50
N PRO H 12 -20.19 -41.34 21.29
CA PRO H 12 -20.59 -41.71 19.92
C PRO H 12 -21.12 -40.55 19.10
N GLU H 13 -21.07 -40.75 17.78
CA GLU H 13 -21.44 -39.70 16.82
C GLU H 13 -22.94 -39.46 16.81
N ASP H 14 -23.73 -40.55 16.81
CA ASP H 14 -25.19 -40.43 16.78
C ASP H 14 -25.70 -39.70 18.02
N MET H 15 -25.03 -39.89 19.15
CA MET H 15 -25.44 -39.24 20.40
C MET H 15 -25.05 -37.76 20.38
N GLN H 16 -23.91 -37.44 19.78
CA GLN H 16 -23.57 -36.05 19.52
C GLN H 16 -24.64 -35.37 18.66
N ASN H 17 -25.00 -36.00 17.54
CA ASN H 17 -25.95 -35.36 16.63
C ASN H 17 -27.33 -35.21 17.26
N GLU H 18 -27.72 -36.16 18.12
CA GLU H 18 -28.98 -36.00 18.83
C GLU H 18 -28.87 -34.88 19.88
N ALA H 19 -27.71 -34.70 20.49
CA ALA H 19 -27.54 -33.62 21.46
C ALA H 19 -27.59 -32.25 20.80
N LEU H 20 -26.96 -32.12 19.63
CA LEU H 20 -26.98 -30.84 18.92
C LEU H 20 -28.36 -30.57 18.32
N SER H 21 -29.06 -31.62 17.89
CA SER H 21 -30.43 -31.42 17.41
C SER H 21 -31.33 -30.97 18.55
N LEU H 22 -31.18 -31.58 19.74
CA LEU H 22 -31.94 -31.12 20.90
C LEU H 22 -31.60 -29.68 21.24
N LEU H 23 -30.32 -29.32 21.13
CA LEU H 23 -29.80 -27.99 21.39
C LEU H 23 -30.27 -26.96 20.37
N GLU H 24 -30.71 -27.41 19.19
CA GLU H 24 -31.21 -26.53 18.14
C GLU H 24 -32.54 -25.88 18.52
N LYS H 25 -33.47 -26.67 19.07
CA LYS H 25 -34.81 -26.15 19.34
C LYS H 25 -35.01 -25.73 20.79
N VAL H 26 -34.06 -24.99 21.37
CA VAL H 26 -34.22 -24.55 22.76
C VAL H 26 -33.49 -23.23 22.95
N ARG H 27 -33.85 -22.23 22.14
CA ARG H 27 -33.30 -20.89 22.36
C ARG H 27 -34.35 -19.80 22.56
N GLU H 28 -35.61 -20.01 22.21
CA GLU H 28 -36.71 -19.30 22.85
C GLU H 28 -37.60 -20.27 23.62
N SER H 29 -37.34 -21.57 23.52
CA SER H 29 -37.92 -22.55 24.41
C SER H 29 -37.26 -22.54 25.78
N GLY H 30 -35.94 -22.55 25.86
CA GLY H 30 -35.23 -22.50 27.12
C GLY H 30 -34.26 -21.34 27.08
N LYS H 31 -33.20 -21.46 27.87
CA LYS H 31 -32.16 -20.44 27.93
C LYS H 31 -30.78 -21.08 28.01
N VAL H 32 -29.84 -20.54 27.24
CA VAL H 32 -28.53 -21.11 27.01
C VAL H 32 -27.49 -20.00 27.10
N LYS H 33 -26.36 -20.29 27.71
CA LYS H 33 -25.23 -19.35 27.70
C LYS H 33 -24.18 -19.84 26.71
N LYS H 34 -23.61 -18.90 25.97
CA LYS H 34 -22.82 -19.14 24.77
C LYS H 34 -21.40 -18.64 24.98
N GLY H 35 -20.42 -19.46 24.63
CA GLY H 35 -19.08 -18.96 24.83
C GLY H 35 -18.47 -19.48 26.11
N THR H 36 -17.15 -19.63 26.11
CA THR H 36 -16.49 -20.34 27.21
C THR H 36 -16.57 -19.55 28.51
N ASN H 37 -16.55 -18.21 28.43
CA ASN H 37 -16.68 -17.44 29.66
C ASN H 37 -18.07 -17.58 30.24
N GLU H 38 -19.10 -17.45 29.40
CA GLU H 38 -20.46 -17.57 29.90
C GLU H 38 -20.77 -19.00 30.33
N THR H 39 -20.17 -19.98 29.67
CA THR H 39 -20.34 -21.38 30.09
C THR H 39 -19.67 -21.62 31.44
N THR H 40 -18.42 -21.18 31.58
CA THR H 40 -17.69 -21.37 32.83
C THR H 40 -18.35 -20.66 33.99
N LYS H 41 -18.88 -19.45 33.79
CA LYS H 41 -19.66 -18.84 34.85
C LYS H 41 -20.98 -19.57 35.06
N ALA H 42 -21.59 -20.09 33.99
CA ALA H 42 -22.79 -20.91 34.17
C ALA H 42 -22.52 -22.07 35.12
N VAL H 43 -21.34 -22.67 35.03
CA VAL H 43 -20.99 -23.78 35.91
C VAL H 43 -20.58 -23.27 37.29
N GLU H 44 -19.88 -22.14 37.35
CA GLU H 44 -19.36 -21.63 38.62
C GLU H 44 -20.46 -21.04 39.50
N ARG H 45 -21.21 -20.06 38.99
CA ARG H 45 -22.45 -19.64 39.66
C ARG H 45 -23.26 -20.84 40.11
N GLY H 46 -23.40 -21.84 39.24
CA GLY H 46 -24.02 -23.08 39.64
C GLY H 46 -25.36 -23.37 38.99
N LEU H 47 -25.66 -22.74 37.86
CA LEU H 47 -27.00 -22.79 37.29
C LEU H 47 -27.04 -23.55 35.98
N ALA H 48 -25.97 -24.24 35.62
CA ALA H 48 -25.95 -25.05 34.40
C ALA H 48 -26.40 -26.46 34.74
N LYS H 49 -27.35 -26.98 33.96
CA LYS H 49 -27.78 -28.38 34.11
C LYS H 49 -27.16 -29.31 33.08
N LEU H 50 -26.60 -28.78 32.00
CA LEU H 50 -25.90 -29.59 31.01
C LEU H 50 -25.12 -28.69 30.08
N VAL H 51 -23.80 -28.86 30.04
CA VAL H 51 -22.92 -28.03 29.22
C VAL H 51 -22.33 -28.89 28.11
N TYR H 52 -22.13 -28.26 26.95
CA TYR H 52 -21.50 -28.89 25.81
C TYR H 52 -20.09 -28.37 25.64
N ILE H 53 -19.17 -29.26 25.30
CA ILE H 53 -17.76 -28.91 25.11
C ILE H 53 -17.35 -29.46 23.75
N ALA H 54 -16.71 -28.62 22.95
CA ALA H 54 -16.24 -29.10 21.66
C ALA H 54 -14.81 -29.56 21.82
N GLU H 55 -14.47 -30.64 21.12
CA GLU H 55 -13.17 -31.24 21.33
C GLU H 55 -12.10 -30.78 20.33
N ASP H 56 -12.48 -30.25 19.17
CA ASP H 56 -11.50 -29.77 18.20
C ASP H 56 -11.11 -28.32 18.45
N VAL H 57 -11.19 -27.85 19.70
CA VAL H 57 -10.87 -26.47 20.00
C VAL H 57 -9.36 -26.33 20.14
N ASP H 58 -8.82 -25.28 19.55
CA ASP H 58 -7.38 -25.10 19.50
C ASP H 58 -7.11 -23.62 19.77
N PRO H 59 -6.31 -23.31 20.80
CA PRO H 59 -5.65 -24.21 21.74
C PRO H 59 -6.62 -25.00 22.64
N PRO H 60 -6.20 -26.18 23.10
CA PRO H 60 -7.09 -26.96 23.98
C PRO H 60 -7.50 -26.18 25.21
N GLU H 61 -6.51 -25.62 25.92
CA GLU H 61 -6.68 -24.66 27.01
C GLU H 61 -8.02 -23.94 27.01
N ILE H 62 -8.40 -23.36 25.86
CA ILE H 62 -9.51 -22.41 25.80
C ILE H 62 -10.74 -23.02 26.49
N VAL H 63 -10.95 -24.33 26.34
CA VAL H 63 -12.01 -25.00 27.07
C VAL H 63 -11.51 -26.23 27.82
N ALA H 64 -10.19 -26.50 27.80
CA ALA H 64 -9.68 -27.71 28.43
C ALA H 64 -9.99 -27.75 29.92
N HIS H 65 -10.15 -26.57 30.54
CA HIS H 65 -10.42 -26.48 31.97
C HIS H 65 -11.85 -26.85 32.32
N LEU H 66 -12.77 -26.72 31.37
CA LEU H 66 -14.19 -26.75 31.71
C LEU H 66 -14.72 -28.15 31.98
N PRO H 67 -14.27 -29.23 31.31
CA PRO H 67 -14.75 -30.56 31.72
C PRO H 67 -14.40 -30.96 33.14
N LEU H 68 -13.16 -30.77 33.58
CA LEU H 68 -12.81 -31.16 34.95
C LEU H 68 -13.47 -30.26 35.99
N LEU H 69 -13.46 -28.94 35.76
CA LEU H 69 -14.04 -27.98 36.70
C LEU H 69 -15.56 -28.10 36.73
N CYS H 70 -16.07 -28.59 35.61
CA CYS H 70 -17.48 -28.93 35.40
C CYS H 70 -17.88 -30.19 36.14
N GLU H 71 -17.06 -31.24 36.07
CA GLU H 71 -17.30 -32.49 36.78
C GLU H 71 -17.21 -32.32 38.29
N GLU H 72 -16.21 -31.58 38.78
CA GLU H 72 -16.12 -31.29 40.20
C GLU H 72 -17.39 -30.68 40.78
N LYS H 73 -17.92 -29.61 40.18
CA LYS H 73 -19.19 -29.03 40.60
C LYS H 73 -20.38 -29.95 40.31
N ASN H 74 -20.12 -31.18 39.89
CA ASN H 74 -21.12 -32.19 39.53
C ASN H 74 -22.24 -31.66 38.64
N VAL H 75 -21.85 -30.98 37.57
CA VAL H 75 -22.76 -30.65 36.48
C VAL H 75 -22.41 -31.57 35.31
N PRO H 76 -23.37 -32.29 34.73
CA PRO H 76 -23.06 -33.15 33.58
C PRO H 76 -22.54 -32.35 32.40
N TYR H 77 -21.74 -33.02 31.58
CA TYR H 77 -21.24 -32.42 30.35
C TYR H 77 -21.06 -33.50 29.30
N ILE H 78 -21.19 -33.09 28.03
CA ILE H 78 -21.14 -33.98 26.88
C ILE H 78 -20.25 -33.37 25.82
N TYR H 79 -19.61 -34.24 25.04
CA TYR H 79 -18.56 -33.85 24.11
C TYR H 79 -19.11 -33.77 22.69
N VAL H 80 -18.57 -32.84 21.91
CA VAL H 80 -19.01 -32.64 20.53
C VAL H 80 -17.79 -32.45 19.63
N LYS H 81 -17.84 -33.09 18.46
CA LYS H 81 -16.76 -33.00 17.47
C LYS H 81 -16.38 -31.56 17.11
N SER H 82 -17.13 -30.92 16.24
CA SER H 82 -16.74 -29.63 15.68
C SER H 82 -17.26 -28.48 16.53
N LYS H 83 -16.39 -27.51 16.81
CA LYS H 83 -16.84 -26.24 17.36
C LYS H 83 -17.87 -25.57 16.45
N ASN H 84 -17.68 -25.67 15.13
CA ASN H 84 -18.59 -25.02 14.19
C ASN H 84 -20.01 -25.55 14.36
N ASP H 85 -20.17 -26.87 14.40
CA ASP H 85 -21.48 -27.48 14.55
C ASP H 85 -22.19 -26.97 15.79
N LEU H 86 -21.46 -26.86 16.90
CA LEU H 86 -22.02 -26.34 18.14
C LEU H 86 -22.42 -24.87 17.98
N GLY H 87 -21.53 -24.06 17.41
CA GLY H 87 -21.80 -22.65 17.22
C GLY H 87 -23.02 -22.34 16.35
N ARG H 88 -23.19 -23.08 15.26
CA ARG H 88 -24.39 -22.87 14.46
C ARG H 88 -25.62 -23.49 15.10
N ALA H 89 -25.44 -24.58 15.86
CA ALA H 89 -26.58 -25.17 16.55
C ALA H 89 -27.17 -24.18 17.56
N VAL H 90 -26.34 -23.64 18.44
CA VAL H 90 -26.77 -22.55 19.30
C VAL H 90 -26.82 -21.31 18.41
N GLY H 91 -27.90 -21.15 17.66
CA GLY H 91 -28.21 -20.03 16.79
C GLY H 91 -27.41 -18.74 16.83
N ILE H 92 -26.10 -18.78 17.07
CA ILE H 92 -25.24 -17.63 16.85
C ILE H 92 -24.47 -17.87 15.54
N GLU H 93 -23.90 -16.80 15.00
CA GLU H 93 -23.35 -16.81 13.65
C GLU H 93 -21.84 -17.06 13.55
N VAL H 94 -21.23 -17.71 14.54
CA VAL H 94 -19.77 -17.84 14.54
C VAL H 94 -19.44 -19.16 15.26
N PRO H 95 -18.27 -19.76 15.08
CA PRO H 95 -17.98 -20.99 15.81
C PRO H 95 -17.96 -20.76 17.32
N CYS H 96 -18.21 -21.84 18.06
CA CYS H 96 -18.36 -21.79 19.51
C CYS H 96 -17.72 -23.02 20.12
N ALA H 97 -16.67 -22.82 20.92
CA ALA H 97 -15.95 -23.92 21.54
C ALA H 97 -16.74 -24.59 22.66
N SER H 98 -17.69 -23.89 23.29
CA SER H 98 -18.34 -24.44 24.46
C SER H 98 -19.67 -23.73 24.67
N ALA H 99 -20.69 -24.48 25.08
CA ALA H 99 -21.99 -23.91 25.35
C ALA H 99 -22.56 -24.47 26.65
N ALA H 100 -23.70 -23.94 27.07
CA ALA H 100 -24.36 -24.45 28.26
C ALA H 100 -25.86 -24.21 28.18
N ILE H 101 -26.61 -25.15 28.78
CA ILE H 101 -28.04 -25.01 28.99
C ILE H 101 -28.25 -24.68 30.46
N ILE H 102 -28.91 -23.54 30.74
CA ILE H 102 -29.08 -23.20 32.14
C ILE H 102 -30.55 -23.35 32.53
N ASN H 103 -31.46 -23.19 31.56
CA ASN H 103 -32.86 -23.55 31.77
C ASN H 103 -33.29 -24.53 30.68
N GLU H 104 -33.90 -25.65 31.09
CA GLU H 104 -34.41 -26.73 30.22
C GLU H 104 -35.70 -26.40 29.48
N GLY H 105 -36.16 -25.16 29.35
CA GLY H 105 -37.41 -24.85 28.67
C GLY H 105 -38.52 -25.85 28.97
N GLU H 106 -39.08 -26.44 27.91
CA GLU H 106 -40.16 -27.41 28.04
C GLU H 106 -39.64 -28.84 27.87
N LEU H 107 -38.35 -29.01 27.64
CA LEU H 107 -37.76 -30.31 27.34
C LEU H 107 -37.10 -30.94 28.56
N ARG H 108 -37.92 -31.29 29.55
CA ARG H 108 -37.41 -31.88 30.79
CA ARG H 108 -37.41 -31.87 30.79
C ARG H 108 -37.15 -33.36 30.62
N LYS H 109 -37.98 -34.04 29.82
CA LYS H 109 -37.89 -35.49 29.71
C LYS H 109 -36.79 -35.96 28.75
N GLU H 110 -36.65 -35.33 27.59
CA GLU H 110 -35.56 -35.68 26.68
C GLU H 110 -34.18 -35.39 27.25
N LEU H 111 -33.97 -34.19 27.79
CA LEU H 111 -32.67 -33.87 28.37
C LEU H 111 -32.40 -34.73 29.60
N GLY H 112 -33.46 -35.15 30.31
CA GLY H 112 -33.26 -36.06 31.42
C GLY H 112 -32.72 -37.40 30.96
N SER H 113 -33.32 -37.97 29.91
CA SER H 113 -32.84 -39.25 29.39
C SER H 113 -31.43 -39.12 28.86
N LEU H 114 -31.15 -38.03 28.14
CA LEU H 114 -29.82 -37.87 27.55
C LEU H 114 -28.75 -37.70 28.62
N VAL H 115 -29.04 -36.94 29.68
CA VAL H 115 -28.07 -36.78 30.77
C VAL H 115 -27.68 -38.15 31.33
N GLU H 116 -28.67 -39.02 31.51
CA GLU H 116 -28.37 -40.36 32.01
C GLU H 116 -27.61 -41.17 30.96
N LYS H 117 -27.79 -40.86 29.67
CA LYS H 117 -26.93 -41.48 28.67
C LYS H 117 -25.49 -40.99 28.73
N ILE H 118 -25.27 -39.72 29.10
CA ILE H 118 -23.88 -39.30 29.32
C ILE H 118 -23.28 -40.04 30.51
N LYS H 119 -23.91 -39.94 31.68
CA LYS H 119 -23.31 -40.64 32.83
C LYS H 119 -23.35 -42.14 32.60
N GLY H 120 -22.30 -42.68 31.97
CA GLY H 120 -22.26 -44.09 31.63
C GLY H 120 -21.08 -44.52 30.78
N LEU H 121 -20.49 -43.58 30.06
CA LEU H 121 -19.30 -43.87 29.26
C LEU H 121 -18.03 -43.70 30.05
N GLU K 3 -29.92 29.52 -11.21
CA GLU K 3 -28.65 30.00 -10.71
C GLU K 3 -27.50 29.45 -11.56
N ALA K 4 -27.39 28.13 -11.62
CA ALA K 4 -26.46 27.47 -12.51
C ALA K 4 -26.82 27.79 -13.96
N SER K 5 -25.79 27.94 -14.79
CA SER K 5 -25.98 28.44 -16.15
C SER K 5 -26.86 27.54 -17.01
N TYR K 6 -26.95 26.24 -16.72
CA TYR K 6 -27.79 25.36 -17.53
C TYR K 6 -29.26 25.46 -17.16
N VAL K 7 -29.61 26.06 -16.02
CA VAL K 7 -31.00 26.34 -15.71
C VAL K 7 -31.38 27.55 -16.56
N ARG K 8 -32.22 27.34 -17.58
CA ARG K 8 -32.51 28.42 -18.52
C ARG K 8 -33.90 29.02 -18.36
N PHE K 9 -34.70 28.50 -17.43
CA PHE K 9 -35.94 29.13 -17.03
C PHE K 9 -36.27 28.64 -15.62
N GLU K 10 -37.06 29.42 -14.91
CA GLU K 10 -37.39 29.12 -13.53
C GLU K 10 -38.75 28.44 -13.46
N VAL K 11 -38.77 27.25 -12.88
CA VAL K 11 -39.98 26.47 -12.69
C VAL K 11 -40.45 26.67 -11.27
N PRO K 12 -41.74 26.95 -11.03
CA PRO K 12 -42.21 27.09 -9.65
C PRO K 12 -42.09 25.76 -8.92
N GLU K 13 -42.01 25.84 -7.60
CA GLU K 13 -41.70 24.65 -6.82
C GLU K 13 -42.87 23.67 -6.79
N ASP K 14 -44.11 24.16 -6.66
CA ASP K 14 -45.25 23.24 -6.71
C ASP K 14 -45.35 22.54 -8.06
N MET K 15 -44.96 23.23 -9.13
CA MET K 15 -45.00 22.61 -10.46
C MET K 15 -43.89 21.57 -10.59
N GLN K 16 -42.76 21.84 -9.93
CA GLN K 16 -41.73 20.82 -9.75
C GLN K 16 -42.31 19.60 -9.04
N ASN K 17 -43.13 19.83 -8.00
CA ASN K 17 -43.73 18.72 -7.27
C ASN K 17 -44.69 17.94 -8.15
N GLU K 18 -45.41 18.62 -9.04
CA GLU K 18 -46.34 17.92 -9.91
C GLU K 18 -45.59 17.14 -11.00
N ALA K 19 -44.44 17.64 -11.43
CA ALA K 19 -43.61 16.90 -12.37
C ALA K 19 -42.98 15.67 -11.71
N LEU K 20 -42.54 15.81 -10.46
CA LEU K 20 -41.91 14.70 -9.75
C LEU K 20 -42.94 13.65 -9.38
N SER K 21 -44.14 14.07 -9.00
CA SER K 21 -45.21 13.13 -8.71
C SER K 21 -45.61 12.40 -9.98
N LEU K 22 -45.78 13.13 -11.08
CA LEU K 22 -46.12 12.49 -12.35
C LEU K 22 -45.05 11.48 -12.74
N LEU K 23 -43.78 11.81 -12.52
CA LEU K 23 -42.70 10.87 -12.84
C LEU K 23 -42.71 9.65 -11.93
N GLU K 24 -43.16 9.80 -10.68
CA GLU K 24 -43.19 8.63 -9.80
C GLU K 24 -44.36 7.71 -10.13
N LYS K 25 -45.53 8.28 -10.46
CA LYS K 25 -46.63 7.42 -10.89
C LYS K 25 -46.36 6.74 -12.21
N VAL K 26 -45.92 7.47 -13.25
CA VAL K 26 -45.74 6.88 -14.56
C VAL K 26 -44.69 5.78 -14.54
N ARG K 27 -43.87 5.74 -13.48
CA ARG K 27 -42.77 4.78 -13.38
C ARG K 27 -43.27 3.35 -13.59
N GLU K 28 -44.13 2.90 -12.69
CA GLU K 28 -44.67 1.54 -12.73
C GLU K 28 -46.03 1.52 -13.41
N SER K 29 -46.15 2.28 -14.50
CA SER K 29 -47.21 2.18 -15.48
C SER K 29 -46.72 2.51 -16.87
N GLY K 30 -45.69 3.35 -17.00
CA GLY K 30 -45.12 3.74 -18.28
C GLY K 30 -43.66 3.33 -18.36
N LYS K 31 -42.86 4.04 -19.15
CA LYS K 31 -41.43 3.72 -19.27
C LYS K 31 -40.59 4.95 -18.96
N VAL K 32 -39.56 4.74 -18.12
CA VAL K 32 -38.71 5.81 -17.60
C VAL K 32 -37.26 5.35 -17.68
N LYS K 33 -36.37 6.25 -18.10
CA LYS K 33 -34.92 6.02 -18.05
C LYS K 33 -34.27 6.93 -17.02
N LYS K 34 -33.30 6.38 -16.29
CA LYS K 34 -32.71 6.99 -15.10
C LYS K 34 -31.22 7.24 -15.36
N GLY K 35 -30.73 8.42 -15.01
CA GLY K 35 -29.32 8.63 -15.24
C GLY K 35 -29.06 9.41 -16.52
N THR K 36 -27.97 10.19 -16.52
CA THR K 36 -27.73 11.15 -17.59
C THR K 36 -27.36 10.47 -18.90
N ASN K 37 -26.68 9.32 -18.87
CA ASN K 37 -26.30 8.66 -20.11
C ASN K 37 -27.52 8.09 -20.83
N GLU K 38 -28.40 7.39 -20.10
CA GLU K 38 -29.60 6.84 -20.72
C GLU K 38 -30.56 7.95 -21.14
N THR K 39 -30.54 9.07 -20.41
CA THR K 39 -31.36 10.21 -20.80
C THR K 39 -30.85 10.81 -22.11
N THR K 40 -29.53 11.02 -22.19
CA THR K 40 -28.92 11.62 -23.37
C THR K 40 -29.13 10.75 -24.61
N LYS K 41 -28.95 9.44 -24.48
CA LYS K 41 -29.29 8.60 -25.63
C LYS K 41 -30.78 8.65 -25.95
N ALA K 42 -31.63 8.48 -24.93
CA ALA K 42 -33.08 8.57 -25.14
C ALA K 42 -33.47 9.80 -25.95
N VAL K 43 -32.83 10.94 -25.71
CA VAL K 43 -33.14 12.14 -26.48
C VAL K 43 -32.49 12.06 -27.85
N GLU K 44 -31.27 11.56 -27.92
CA GLU K 44 -30.54 11.45 -29.18
C GLU K 44 -31.10 10.33 -30.05
N ARG K 45 -31.75 9.33 -29.47
CA ARG K 45 -32.43 8.30 -30.25
C ARG K 45 -33.80 8.75 -30.74
N GLY K 46 -34.27 9.93 -30.32
CA GLY K 46 -35.58 10.42 -30.68
C GLY K 46 -36.73 9.89 -29.84
N LEU K 47 -36.45 9.38 -28.64
CA LEU K 47 -37.44 8.64 -27.86
C LEU K 47 -37.88 9.35 -26.58
N ALA K 48 -37.48 10.60 -26.35
CA ALA K 48 -37.86 11.29 -25.11
C ALA K 48 -39.17 12.06 -25.26
N LYS K 49 -40.08 11.85 -24.32
CA LYS K 49 -41.30 12.65 -24.26
C LYS K 49 -41.23 13.75 -23.22
N LEU K 50 -40.32 13.65 -22.25
CA LEU K 50 -40.11 14.70 -21.26
C LEU K 50 -38.86 14.41 -20.45
N VAL K 51 -37.95 15.37 -20.37
CA VAL K 51 -36.69 15.16 -19.68
C VAL K 51 -36.73 15.93 -18.37
N TYR K 52 -36.20 15.32 -17.32
CA TYR K 52 -36.03 15.97 -16.03
C TYR K 52 -34.56 16.24 -15.80
N ILE K 53 -34.25 17.45 -15.33
CA ILE K 53 -32.89 17.88 -15.02
C ILE K 53 -32.91 18.50 -13.65
N ALA K 54 -31.92 18.16 -12.83
CA ALA K 54 -31.82 18.67 -11.47
C ALA K 54 -30.93 19.91 -11.47
N GLU K 55 -31.24 20.83 -10.56
CA GLU K 55 -30.57 22.12 -10.54
C GLU K 55 -29.28 22.13 -9.73
N ASP K 56 -29.12 21.20 -8.79
CA ASP K 56 -27.92 21.15 -7.96
C ASP K 56 -26.82 20.26 -8.52
N VAL K 57 -26.73 20.09 -9.84
CA VAL K 57 -25.72 19.19 -10.40
C VAL K 57 -24.39 19.91 -10.48
N ASP K 58 -23.35 19.29 -9.90
CA ASP K 58 -22.03 19.89 -9.82
C ASP K 58 -21.00 18.76 -9.97
N PRO K 59 -20.07 18.88 -10.92
CA PRO K 59 -19.93 19.96 -11.90
C PRO K 59 -21.03 19.98 -12.97
N PRO K 60 -21.36 21.17 -13.48
CA PRO K 60 -22.41 21.26 -14.51
C PRO K 60 -22.11 20.48 -15.78
N GLU K 61 -20.83 20.21 -16.08
CA GLU K 61 -20.45 19.44 -17.25
C GLU K 61 -21.25 18.14 -17.38
N ILE K 62 -21.71 17.59 -16.26
CA ILE K 62 -22.46 16.33 -16.29
C ILE K 62 -23.72 16.48 -17.13
N VAL K 63 -24.41 17.62 -17.00
CA VAL K 63 -25.68 17.84 -17.66
C VAL K 63 -25.72 19.11 -18.49
N ALA K 64 -24.61 19.83 -18.62
CA ALA K 64 -24.63 21.12 -19.32
C ALA K 64 -25.11 21.02 -20.76
N HIS K 65 -25.09 19.81 -21.34
CA HIS K 65 -25.56 19.64 -22.70
C HIS K 65 -27.06 19.35 -22.81
N LEU K 66 -27.71 18.84 -21.76
CA LEU K 66 -29.09 18.38 -21.94
C LEU K 66 -30.11 19.45 -22.28
N PRO K 67 -30.08 20.67 -21.72
CA PRO K 67 -31.05 21.68 -22.20
C PRO K 67 -30.94 21.99 -23.68
N LEU K 68 -29.71 22.19 -24.15
CA LEU K 68 -29.49 22.58 -25.54
C LEU K 68 -29.90 21.47 -26.48
N LEU K 69 -29.57 20.23 -26.13
CA LEU K 69 -29.93 19.11 -26.99
C LEU K 69 -31.43 18.84 -26.95
N CYS K 70 -32.09 19.17 -25.84
CA CYS K 70 -33.55 19.04 -25.80
C CYS K 70 -34.21 20.13 -26.63
N GLU K 71 -33.62 21.34 -26.64
CA GLU K 71 -34.09 22.39 -27.51
C GLU K 71 -34.03 21.94 -28.98
N GLU K 72 -32.84 21.58 -29.44
CA GLU K 72 -32.69 21.24 -30.87
C GLU K 72 -33.57 20.04 -31.26
N LYS K 73 -33.58 19.00 -30.44
CA LYS K 73 -34.48 17.89 -30.76
C LYS K 73 -35.95 18.18 -30.43
N ASN K 74 -36.29 19.43 -30.07
CA ASN K 74 -37.64 19.84 -29.70
C ASN K 74 -38.29 18.86 -28.74
N VAL K 75 -37.57 18.52 -27.68
CA VAL K 75 -38.06 17.66 -26.60
C VAL K 75 -38.34 18.53 -25.37
N PRO K 76 -39.53 18.44 -24.77
CA PRO K 76 -39.78 19.17 -23.51
C PRO K 76 -38.89 18.68 -22.38
N TYR K 77 -38.54 19.59 -21.47
CA TYR K 77 -37.77 19.25 -20.29
C TYR K 77 -38.11 20.22 -19.17
N ILE K 78 -37.97 19.75 -17.93
CA ILE K 78 -38.29 20.54 -16.75
C ILE K 78 -37.18 20.38 -15.73
N TYR K 79 -37.05 21.38 -14.87
CA TYR K 79 -36.05 21.40 -13.81
C TYR K 79 -36.70 21.07 -12.47
N VAL K 80 -36.08 20.15 -11.74
CA VAL K 80 -36.41 19.86 -10.36
C VAL K 80 -35.21 20.28 -9.52
N LYS K 81 -35.44 20.40 -8.22
CA LYS K 81 -34.54 21.22 -7.40
C LYS K 81 -33.32 20.43 -6.93
N SER K 82 -33.50 19.17 -6.55
CA SER K 82 -32.39 18.38 -6.01
C SER K 82 -32.23 17.06 -6.75
N LYS K 83 -30.98 16.72 -7.05
CA LYS K 83 -30.64 15.38 -7.55
C LYS K 83 -31.18 14.26 -6.66
N ASN K 84 -31.14 14.41 -5.33
CA ASN K 84 -31.70 13.39 -4.45
C ASN K 84 -33.20 13.21 -4.69
N ASP K 85 -33.95 14.31 -4.82
CA ASP K 85 -35.38 14.20 -5.10
C ASP K 85 -35.61 13.34 -6.34
N LEU K 86 -34.79 13.54 -7.37
CA LEU K 86 -34.89 12.69 -8.55
C LEU K 86 -34.54 11.26 -8.23
N GLY K 87 -33.46 11.04 -7.47
CA GLY K 87 -33.06 9.69 -7.11
C GLY K 87 -34.14 8.88 -6.42
N ARG K 88 -34.88 9.50 -5.50
CA ARG K 88 -35.99 8.82 -4.86
C ARG K 88 -37.19 8.72 -5.78
N ALA K 89 -37.40 9.73 -6.62
CA ALA K 89 -38.54 9.74 -7.53
C ALA K 89 -38.44 8.60 -8.55
N VAL K 90 -37.29 8.43 -9.19
CA VAL K 90 -37.09 7.30 -10.09
C VAL K 90 -36.95 5.99 -9.34
N GLY K 91 -36.70 6.04 -8.03
CA GLY K 91 -36.67 4.86 -7.21
C GLY K 91 -35.36 4.09 -7.30
N ILE K 92 -34.23 4.78 -7.43
CA ILE K 92 -32.93 4.16 -7.25
C ILE K 92 -32.39 4.56 -5.88
N GLU K 93 -31.30 3.91 -5.49
CA GLU K 93 -30.73 4.09 -4.16
C GLU K 93 -29.67 5.19 -4.15
N VAL K 94 -29.70 6.09 -5.13
CA VAL K 94 -28.59 7.02 -5.37
C VAL K 94 -29.12 8.30 -6.01
N PRO K 95 -28.44 9.44 -5.87
CA PRO K 95 -28.90 10.66 -6.55
C PRO K 95 -28.84 10.51 -8.06
N CYS K 96 -29.64 11.33 -8.74
CA CYS K 96 -29.82 11.22 -10.18
C CYS K 96 -29.87 12.63 -10.76
N ALA K 97 -28.88 12.95 -11.59
CA ALA K 97 -28.81 14.30 -12.15
C ALA K 97 -29.91 14.56 -13.17
N SER K 98 -30.39 13.53 -13.85
CA SER K 98 -31.37 13.73 -14.92
C SER K 98 -32.04 12.41 -15.23
N ALA K 99 -33.34 12.49 -15.55
CA ALA K 99 -34.13 11.33 -15.91
C ALA K 99 -34.93 11.67 -17.15
N ALA K 100 -35.66 10.70 -17.68
CA ALA K 100 -36.50 10.94 -18.85
C ALA K 100 -37.70 10.00 -18.84
N ILE K 101 -38.81 10.46 -19.41
CA ILE K 101 -39.98 9.65 -19.68
C ILE K 101 -39.97 9.32 -21.16
N ILE K 102 -39.98 8.04 -21.51
CA ILE K 102 -39.95 7.63 -22.90
C ILE K 102 -41.28 7.06 -23.36
N ASN K 103 -42.04 6.42 -22.47
CA ASN K 103 -43.41 6.06 -22.78
C ASN K 103 -44.31 6.74 -21.76
N GLU K 104 -45.32 7.40 -22.29
CA GLU K 104 -46.33 8.23 -21.68
C GLU K 104 -47.40 7.44 -20.90
N GLY K 105 -47.78 6.26 -21.42
CA GLY K 105 -48.76 5.33 -20.86
C GLY K 105 -49.65 5.70 -19.69
N GLU K 106 -50.98 5.63 -19.91
CA GLU K 106 -52.02 5.96 -18.94
C GLU K 106 -52.13 7.44 -18.68
N LEU K 107 -51.00 8.10 -18.42
CA LEU K 107 -51.01 9.51 -18.04
C LEU K 107 -50.64 10.32 -19.28
N ARG K 108 -51.41 10.09 -20.35
CA ARG K 108 -51.12 10.71 -21.63
CA ARG K 108 -51.13 10.70 -21.63
C ARG K 108 -51.19 12.23 -21.55
N LYS K 109 -52.39 12.78 -21.47
CA LYS K 109 -52.57 14.22 -21.48
C LYS K 109 -52.40 14.86 -20.10
N GLU K 110 -52.16 14.07 -19.07
CA GLU K 110 -51.65 14.63 -17.82
C GLU K 110 -50.30 15.31 -18.08
N LEU K 111 -49.33 14.53 -18.59
CA LEU K 111 -48.06 15.13 -18.97
C LEU K 111 -48.21 15.98 -20.22
N GLY K 112 -49.27 15.76 -21.02
CA GLY K 112 -49.50 16.70 -22.11
C GLY K 112 -49.76 18.09 -21.57
N SER K 113 -50.63 18.19 -20.56
CA SER K 113 -50.93 19.48 -19.95
C SER K 113 -49.68 20.03 -19.27
N LEU K 114 -48.93 19.17 -18.59
CA LEU K 114 -47.72 19.65 -17.94
C LEU K 114 -46.72 20.16 -18.97
N VAL K 115 -46.64 19.47 -20.11
CA VAL K 115 -45.80 19.91 -21.22
C VAL K 115 -46.20 21.29 -21.70
N GLU K 116 -47.51 21.58 -21.79
CA GLU K 116 -47.87 22.93 -22.26
C GLU K 116 -47.54 23.98 -21.21
N LYS K 117 -47.58 23.61 -19.92
CA LYS K 117 -47.13 24.54 -18.90
C LYS K 117 -45.62 24.79 -18.99
N ILE K 118 -44.86 23.77 -19.38
CA ILE K 118 -43.43 23.97 -19.62
C ILE K 118 -43.20 24.87 -20.82
N LYS K 119 -43.84 24.54 -21.95
CA LYS K 119 -43.77 25.38 -23.14
C LYS K 119 -44.13 26.83 -22.83
N GLY K 120 -44.91 27.07 -21.77
CA GLY K 120 -45.15 28.46 -21.40
C GLY K 120 -44.00 29.15 -20.70
N LEU K 121 -43.11 28.40 -20.04
CA LEU K 121 -41.94 29.01 -19.42
C LEU K 121 -40.74 29.09 -20.35
N GLN K 122 -40.81 28.42 -21.50
CA GLN K 122 -39.66 28.25 -22.39
C GLN K 122 -39.59 29.38 -23.41
N LYS K 123 -40.29 30.48 -23.15
CA LYS K 123 -40.46 31.53 -24.16
C LYS K 123 -39.68 32.78 -23.78
N SER L 5 -5.72 -34.71 -20.17
CA SER L 5 -5.56 -33.47 -20.91
C SER L 5 -6.67 -33.29 -21.95
N TYR L 6 -7.08 -32.03 -22.13
CA TYR L 6 -8.11 -31.64 -23.09
C TYR L 6 -7.72 -31.97 -24.53
N VAL L 7 -6.48 -32.38 -24.74
CA VAL L 7 -6.01 -32.82 -26.06
C VAL L 7 -6.64 -34.17 -26.37
N ARG L 8 -7.43 -34.22 -27.46
CA ARG L 8 -8.19 -35.41 -27.80
C ARG L 8 -7.54 -36.26 -28.88
N PHE L 9 -6.35 -35.88 -29.36
CA PHE L 9 -5.50 -36.77 -30.14
C PHE L 9 -4.06 -36.26 -30.03
N GLU L 10 -3.13 -37.21 -30.06
CA GLU L 10 -1.72 -36.93 -29.84
C GLU L 10 -1.12 -36.40 -31.14
N VAL L 11 -0.52 -35.22 -31.09
CA VAL L 11 0.18 -34.72 -32.30
C VAL L 11 1.66 -35.06 -32.19
N PRO L 12 2.26 -35.69 -33.21
CA PRO L 12 3.70 -35.97 -33.14
C PRO L 12 4.49 -34.68 -33.22
N GLU L 13 5.73 -34.74 -32.72
CA GLU L 13 6.50 -33.50 -32.59
C GLU L 13 6.91 -32.96 -33.96
N ASP L 14 7.33 -33.84 -34.86
CA ASP L 14 7.73 -33.37 -36.19
C ASP L 14 6.60 -32.64 -36.89
N MET L 15 5.36 -33.08 -36.69
CA MET L 15 4.25 -32.42 -37.35
C MET L 15 3.86 -31.12 -36.65
N GLN L 16 3.95 -31.06 -35.33
CA GLN L 16 3.73 -29.80 -34.63
C GLN L 16 4.76 -28.74 -35.04
N ASN L 17 6.04 -29.13 -35.16
CA ASN L 17 7.05 -28.16 -35.61
C ASN L 17 6.82 -27.75 -37.06
N GLU L 18 6.54 -28.72 -37.94
CA GLU L 18 6.15 -28.35 -39.30
C GLU L 18 4.98 -27.37 -39.31
N ALA L 19 4.02 -27.54 -38.40
CA ALA L 19 2.87 -26.67 -38.32
C ALA L 19 3.25 -25.27 -37.85
N LEU L 20 4.15 -25.16 -36.87
CA LEU L 20 4.51 -23.84 -36.38
C LEU L 20 5.35 -23.09 -37.40
N SER L 21 6.21 -23.81 -38.13
CA SER L 21 6.94 -23.15 -39.20
C SER L 21 6.00 -22.69 -40.31
N LEU L 22 5.07 -23.56 -40.73
CA LEU L 22 4.12 -23.17 -41.76
C LEU L 22 3.30 -21.96 -41.35
N LEU L 23 2.84 -21.94 -40.09
CA LEU L 23 2.07 -20.78 -39.64
C LEU L 23 2.96 -19.54 -39.54
N GLU L 24 4.25 -19.72 -39.28
CA GLU L 24 5.14 -18.57 -39.21
C GLU L 24 5.49 -18.03 -40.58
N LYS L 25 5.38 -18.83 -41.65
CA LYS L 25 5.51 -18.28 -43.00
C LYS L 25 4.18 -17.97 -43.67
N VAL L 26 3.04 -18.24 -43.02
CA VAL L 26 1.77 -17.84 -43.64
C VAL L 26 1.57 -16.33 -43.56
N ARG L 27 1.85 -15.71 -42.41
CA ARG L 27 1.59 -14.28 -42.26
C ARG L 27 2.35 -13.46 -43.29
N GLU L 28 3.51 -13.94 -43.72
CA GLU L 28 4.32 -13.25 -44.72
C GLU L 28 3.65 -13.32 -46.08
N SER L 29 2.53 -14.03 -46.17
CA SER L 29 1.89 -14.33 -47.44
C SER L 29 0.37 -14.39 -47.34
N GLY L 30 -0.16 -14.86 -46.21
CA GLY L 30 -1.61 -14.94 -46.05
C GLY L 30 -2.15 -14.16 -44.87
N LYS L 31 -3.30 -14.60 -44.34
CA LYS L 31 -3.93 -13.95 -43.19
C LYS L 31 -4.04 -14.94 -42.04
N VAL L 32 -3.84 -14.44 -40.83
CA VAL L 32 -3.86 -15.24 -39.61
C VAL L 32 -4.63 -14.48 -38.53
N LYS L 33 -5.46 -15.19 -37.78
CA LYS L 33 -6.14 -14.64 -36.61
C LYS L 33 -5.49 -15.19 -35.34
N LYS L 34 -5.32 -14.32 -34.35
CA LYS L 34 -4.47 -14.57 -33.19
C LYS L 34 -5.32 -14.52 -31.93
N GLY L 35 -5.21 -15.51 -31.07
CA GLY L 35 -6.02 -15.35 -29.88
C GLY L 35 -7.35 -16.07 -29.99
N THR L 36 -7.87 -16.51 -28.84
CA THR L 36 -9.02 -17.41 -28.86
C THR L 36 -10.27 -16.69 -29.33
N ASN L 37 -10.41 -15.40 -29.02
CA ASN L 37 -11.60 -14.68 -29.49
C ASN L 37 -11.62 -14.58 -30.99
N GLU L 38 -10.52 -14.16 -31.60
CA GLU L 38 -10.49 -14.05 -33.06
C GLU L 38 -10.51 -15.43 -33.72
N THR L 39 -9.99 -16.46 -33.06
CA THR L 39 -10.05 -17.81 -33.64
C THR L 39 -11.48 -18.34 -33.69
N THR L 40 -12.19 -18.34 -32.56
CA THR L 40 -13.55 -18.85 -32.58
C THR L 40 -14.48 -17.97 -33.39
N LYS L 41 -14.23 -16.66 -33.39
CA LYS L 41 -14.93 -15.80 -34.33
C LYS L 41 -14.64 -16.18 -35.78
N ALA L 42 -13.40 -16.54 -36.10
CA ALA L 42 -13.07 -16.97 -37.46
C ALA L 42 -13.75 -18.29 -37.84
N VAL L 43 -13.85 -19.25 -36.90
CA VAL L 43 -14.48 -20.53 -37.22
C VAL L 43 -16.00 -20.41 -37.25
N GLU L 44 -16.55 -19.62 -36.34
CA GLU L 44 -17.98 -19.45 -36.21
C GLU L 44 -18.55 -18.64 -37.37
N ARG L 45 -17.68 -17.94 -38.08
CA ARG L 45 -18.05 -17.28 -39.33
C ARG L 45 -17.61 -18.09 -40.54
N GLY L 46 -16.89 -19.18 -40.32
CA GLY L 46 -16.68 -20.18 -41.36
C GLY L 46 -15.50 -19.96 -42.27
N LEU L 47 -14.52 -19.15 -41.86
CA LEU L 47 -13.45 -18.72 -42.76
C LEU L 47 -12.09 -19.24 -42.33
N ALA L 48 -12.04 -20.19 -41.41
CA ALA L 48 -10.78 -20.76 -40.97
C ALA L 48 -10.40 -21.91 -41.88
N LYS L 49 -9.15 -21.95 -42.31
CA LYS L 49 -8.67 -23.09 -43.07
C LYS L 49 -7.87 -24.06 -42.22
N LEU L 50 -7.41 -23.63 -41.03
CA LEU L 50 -6.72 -24.47 -40.06
C LEU L 50 -6.53 -23.75 -38.74
N VAL L 51 -7.01 -24.31 -37.62
CA VAL L 51 -6.89 -23.63 -36.33
C VAL L 51 -5.87 -24.38 -35.47
N TYR L 52 -5.13 -23.62 -34.67
CA TYR L 52 -4.17 -24.15 -33.71
C TYR L 52 -4.71 -23.97 -32.30
N ILE L 53 -4.53 -25.00 -31.47
CA ILE L 53 -4.93 -24.98 -30.06
C ILE L 53 -3.69 -25.38 -29.28
N ALA L 54 -3.37 -24.64 -28.22
CA ALA L 54 -2.18 -24.93 -27.47
C ALA L 54 -2.51 -25.91 -26.35
N GLU L 55 -1.53 -26.75 -26.00
CA GLU L 55 -1.80 -27.83 -25.07
C GLU L 55 -1.61 -27.44 -23.61
N ASP L 56 -0.77 -26.45 -23.30
CA ASP L 56 -0.61 -26.01 -21.92
C ASP L 56 -1.55 -24.87 -21.54
N VAL L 57 -2.73 -24.77 -22.14
CA VAL L 57 -3.62 -23.66 -21.85
C VAL L 57 -4.34 -23.96 -20.55
N ASP L 58 -4.33 -22.99 -19.65
CA ASP L 58 -4.86 -23.18 -18.31
C ASP L 58 -5.59 -21.91 -17.90
N PRO L 59 -6.86 -22.04 -17.50
CA PRO L 59 -7.68 -23.26 -17.46
C PRO L 59 -8.05 -23.78 -18.88
N PRO L 60 -8.34 -25.08 -18.99
CA PRO L 60 -8.64 -25.64 -20.33
C PRO L 60 -9.83 -24.99 -21.04
N GLU L 61 -10.85 -24.52 -20.31
CA GLU L 61 -12.11 -24.12 -20.93
C GLU L 61 -11.92 -23.04 -22.00
N ILE L 62 -10.98 -22.10 -21.78
CA ILE L 62 -10.61 -21.09 -22.76
C ILE L 62 -10.60 -21.62 -24.19
N VAL L 63 -10.13 -22.86 -24.38
CA VAL L 63 -10.09 -23.45 -25.70
C VAL L 63 -10.83 -24.79 -25.78
N ALA L 64 -11.46 -25.23 -24.68
CA ALA L 64 -12.11 -26.54 -24.67
C ALA L 64 -13.22 -26.64 -25.69
N HIS L 65 -13.80 -25.52 -26.09
CA HIS L 65 -14.90 -25.47 -27.06
C HIS L 65 -14.41 -25.48 -28.50
N LEU L 66 -13.13 -25.20 -28.74
CA LEU L 66 -12.66 -25.08 -30.11
C LEU L 66 -12.63 -26.39 -30.89
N PRO L 67 -12.24 -27.54 -30.33
CA PRO L 67 -12.33 -28.77 -31.14
C PRO L 67 -13.75 -29.06 -31.58
N LEU L 68 -14.73 -28.92 -30.66
CA LEU L 68 -16.10 -29.28 -30.97
C LEU L 68 -16.69 -28.43 -32.10
N LEU L 69 -16.45 -27.12 -32.09
CA LEU L 69 -16.97 -26.32 -33.20
C LEU L 69 -16.18 -26.59 -34.47
N CYS L 70 -14.89 -26.93 -34.33
CA CYS L 70 -14.09 -27.21 -35.50
C CYS L 70 -14.53 -28.48 -36.19
N GLU L 71 -15.09 -29.42 -35.43
CA GLU L 71 -15.63 -30.63 -36.01
C GLU L 71 -16.90 -30.37 -36.83
N GLU L 72 -17.71 -29.36 -36.47
CA GLU L 72 -18.94 -29.15 -37.25
C GLU L 72 -18.67 -28.44 -38.56
N LYS L 73 -18.14 -27.21 -38.52
CA LYS L 73 -17.72 -26.56 -39.77
C LYS L 73 -16.69 -27.36 -40.56
N ASN L 74 -16.38 -28.60 -40.12
CA ASN L 74 -15.36 -29.44 -40.75
C ASN L 74 -14.10 -28.65 -41.07
N VAL L 75 -13.61 -27.93 -40.08
CA VAL L 75 -12.37 -27.17 -40.20
C VAL L 75 -11.26 -27.96 -39.49
N PRO L 76 -10.12 -28.19 -40.15
CA PRO L 76 -9.02 -28.90 -39.49
C PRO L 76 -8.47 -28.15 -38.28
N TYR L 77 -7.91 -28.92 -37.35
CA TYR L 77 -7.21 -28.31 -36.22
C TYR L 77 -6.10 -29.22 -35.76
N ILE L 78 -5.04 -28.59 -35.22
CA ILE L 78 -3.85 -29.29 -34.76
C ILE L 78 -3.45 -28.67 -33.43
N TYR L 79 -2.83 -29.49 -32.59
CA TYR L 79 -2.36 -29.06 -31.28
C TYR L 79 -0.87 -28.74 -31.36
N VAL L 80 -0.51 -27.50 -31.02
CA VAL L 80 0.89 -27.19 -30.75
C VAL L 80 1.06 -27.20 -29.24
N LYS L 81 2.31 -27.24 -28.77
CA LYS L 81 2.58 -27.67 -27.41
C LYS L 81 2.64 -26.53 -26.40
N SER L 82 2.99 -25.31 -26.81
CA SER L 82 3.04 -24.21 -25.86
C SER L 82 2.34 -22.98 -26.42
N LYS L 83 1.52 -22.34 -25.57
CA LYS L 83 1.03 -21.00 -25.89
C LYS L 83 2.16 -20.05 -26.24
N ASN L 84 3.31 -20.17 -25.55
CA ASN L 84 4.43 -19.26 -25.81
C ASN L 84 4.93 -19.38 -27.25
N ASP L 85 5.29 -20.60 -27.67
CA ASP L 85 5.77 -20.81 -29.03
C ASP L 85 4.74 -20.40 -30.07
N LEU L 86 3.46 -20.69 -29.82
CA LEU L 86 2.41 -20.23 -30.74
C LEU L 86 2.39 -18.71 -30.80
N GLY L 87 2.48 -18.06 -29.65
CA GLY L 87 2.57 -16.61 -29.58
C GLY L 87 3.72 -16.04 -30.39
N ARG L 88 4.88 -16.69 -30.34
CA ARG L 88 6.01 -16.24 -31.15
C ARG L 88 5.79 -16.54 -32.63
N ALA L 89 5.13 -17.65 -32.94
CA ALA L 89 4.90 -18.02 -34.33
C ALA L 89 3.97 -17.04 -35.02
N VAL L 90 2.81 -16.75 -34.43
CA VAL L 90 1.92 -15.76 -35.00
C VAL L 90 2.47 -14.34 -34.90
N GLY L 91 3.56 -14.15 -34.18
CA GLY L 91 4.27 -12.88 -34.19
C GLY L 91 3.67 -11.81 -33.29
N ILE L 92 3.15 -12.20 -32.13
CA ILE L 92 2.81 -11.25 -31.09
C ILE L 92 3.90 -11.32 -30.02
N GLU L 93 3.90 -10.35 -29.12
CA GLU L 93 4.92 -10.27 -28.09
C GLU L 93 4.50 -10.98 -26.81
N VAL L 94 3.53 -11.90 -26.90
CA VAL L 94 2.81 -12.42 -25.75
C VAL L 94 2.34 -13.85 -26.03
N PRO L 95 2.09 -14.69 -25.02
CA PRO L 95 1.54 -16.03 -25.31
C PRO L 95 0.19 -15.98 -26.01
N CYS L 96 -0.12 -17.07 -26.71
CA CYS L 96 -1.31 -17.16 -27.56
C CYS L 96 -1.89 -18.56 -27.39
N ALA L 97 -3.10 -18.63 -26.86
CA ALA L 97 -3.72 -19.92 -26.58
C ALA L 97 -4.13 -20.65 -27.85
N SER L 98 -4.47 -19.91 -28.91
CA SER L 98 -5.01 -20.54 -30.11
C SER L 98 -4.99 -19.56 -31.26
N ALA L 99 -4.75 -20.06 -32.47
CA ALA L 99 -4.72 -19.20 -33.64
C ALA L 99 -5.52 -19.88 -34.75
N ALA L 100 -5.62 -19.19 -35.90
CA ALA L 100 -6.28 -19.77 -37.06
C ALA L 100 -5.68 -19.16 -38.33
N ILE L 101 -5.68 -19.94 -39.41
CA ILE L 101 -5.28 -19.50 -40.74
C ILE L 101 -6.53 -19.22 -41.56
N ILE L 102 -6.66 -18.01 -42.09
CA ILE L 102 -7.89 -17.65 -42.80
C ILE L 102 -7.72 -17.57 -44.32
N ASN L 103 -6.53 -17.20 -44.80
CA ASN L 103 -6.24 -17.33 -46.22
C ASN L 103 -4.95 -18.13 -46.39
N GLU L 104 -4.98 -19.12 -47.28
CA GLU L 104 -3.81 -19.97 -47.56
C GLU L 104 -2.70 -19.26 -48.33
N GLY L 105 -2.67 -17.93 -48.38
CA GLY L 105 -1.69 -17.16 -49.12
C GLY L 105 -1.14 -17.87 -50.35
N GLU L 106 0.18 -18.00 -50.41
CA GLU L 106 0.79 -18.68 -51.56
C GLU L 106 0.96 -20.17 -51.31
N LEU L 107 0.71 -20.63 -50.09
CA LEU L 107 1.02 -22.00 -49.69
C LEU L 107 -0.22 -22.87 -49.56
N ARG L 108 -0.95 -23.11 -50.67
CA ARG L 108 -2.11 -23.98 -50.59
CA ARG L 108 -2.11 -23.99 -50.58
C ARG L 108 -1.69 -25.44 -50.47
N LYS L 109 -0.61 -25.83 -51.18
CA LYS L 109 -0.16 -27.21 -51.16
C LYS L 109 0.49 -27.60 -49.83
N GLU L 110 1.13 -26.65 -49.13
CA GLU L 110 1.81 -27.00 -47.90
C GLU L 110 0.82 -27.27 -46.77
N LEU L 111 -0.13 -26.35 -46.56
CA LEU L 111 -1.16 -26.63 -45.56
C LEU L 111 -2.07 -27.76 -46.03
N GLY L 112 -2.14 -27.99 -47.34
CA GLY L 112 -2.85 -29.18 -47.79
C GLY L 112 -2.18 -30.44 -47.29
N SER L 113 -0.85 -30.53 -47.44
CA SER L 113 -0.11 -31.69 -46.96
C SER L 113 -0.25 -31.83 -45.46
N LEU L 114 -0.14 -30.70 -44.74
CA LEU L 114 -0.24 -30.73 -43.29
C LEU L 114 -1.64 -31.15 -42.86
N VAL L 115 -2.66 -30.69 -43.57
CA VAL L 115 -4.04 -31.13 -43.31
C VAL L 115 -4.16 -32.64 -43.46
N GLU L 116 -3.50 -33.21 -44.48
CA GLU L 116 -3.64 -34.66 -44.64
C GLU L 116 -2.90 -35.41 -43.53
N LYS L 117 -1.79 -34.84 -43.03
CA LYS L 117 -1.15 -35.47 -41.87
C LYS L 117 -1.99 -35.32 -40.60
N ILE L 118 -2.71 -34.20 -40.44
CA ILE L 118 -3.59 -34.06 -39.28
C ILE L 118 -4.73 -35.05 -39.34
N LYS L 119 -5.39 -35.17 -40.50
CA LYS L 119 -6.41 -36.19 -40.67
C LYS L 119 -5.85 -37.59 -40.49
N GLY L 120 -4.54 -37.76 -40.68
CA GLY L 120 -3.94 -39.08 -40.60
C GLY L 120 -3.98 -39.73 -39.22
N LEU L 121 -4.09 -38.96 -38.14
CA LEU L 121 -4.18 -39.56 -36.83
C LEU L 121 -5.61 -39.84 -36.38
N GLN L 122 -6.62 -39.39 -37.12
CA GLN L 122 -8.00 -39.61 -36.73
C GLN L 122 -8.85 -39.92 -37.95
N LYS L 123 -10.15 -39.62 -37.86
CA LYS L 123 -10.99 -39.65 -39.05
C LYS L 123 -10.73 -38.41 -39.88
#